data_6BFT
#
_entry.id   6BFT
#
_cell.length_a   83.279
_cell.length_b   88.749
_cell.length_c   106.676
_cell.angle_alpha   90.00
_cell.angle_beta   111.87
_cell.angle_gamma   90.00
#
_symmetry.space_group_name_H-M   'P 1 21 1'
#
loop_
_entity.id
_entity.type
_entity.pdbx_description
1 polymer 'Avastin Light Chain Fab fragment mutant'
2 polymer 'Avastin Heavy Chain Fab fragment mutant'
3 polymer 'Vascular endothelial growth factor A'
4 non-polymer 'SULFATE ION'
5 non-polymer '2-(N-MORPHOLINO)-ETHANESULFONIC ACID'
6 water water
#
loop_
_entity_poly.entity_id
_entity_poly.type
_entity_poly.pdbx_seq_one_letter_code
_entity_poly.pdbx_strand_id
1 'polypeptide(L)'
;DIQMTQSPSSLSASVGDRVTITCSASQDISNYLNWYQQKPGKAPKVLIYFTDDLHSGVPSRFSGSGSGTDFTLTISSLQP
EDFATYYCQQYSTVPWTFGQGTKVEIKRTVAAPSVFIFPPSDEQLKSGTASVVCLLNNFYPREAKVQWKVDNALQSGNSQ
ESVTEQDSKDSTYSLSSTLTLSKADYEKHKVYACEVTHQGLSSPVTKSFNRGEC
;
B,L
2 'polypeptide(L)'
;EVQLVESGGGLVQPGGSLRLSCAASGYDFDNYGMNWVRQAPGKGLEWVGWINTYTGEPTYAADFKRRFTFSLDTSKSTAY
LQMNSLRAEDTAVYYCAKYPHYYGSSHWYFDVWGQGTLVTVSSASTKGPSVFPLAPSSKSTSGGTAALGCLVKDYFPEPV
TVSWNSGALTSGVHTFPAVLQSSGLYSLSSVVTVPSSSLGTQTYICNVNHKPSNTKVDKKVEPKSCDKTHT
;
A,H
3 'polypeptide(L)'
;GPNHHEVVKFMDVYQRSYCHPIETLVDIFQEYPDEIEYIFKPSCVPLMRCGG(CSO)CNDEGLECVPTEESNITMQIMRI
KPHQGQHIGEMSFLQHNKCECRPKKD
;
G,C
#
# COMPACT_ATOMS: atom_id res chain seq x y z
N ASP A 1 25.98 28.53 -31.30
CA ASP A 1 26.60 29.06 -30.09
C ASP A 1 26.22 30.52 -29.82
N ILE A 2 25.70 30.76 -28.61
CA ILE A 2 25.42 32.11 -28.15
C ILE A 2 26.73 32.77 -27.68
N GLN A 3 26.97 34.02 -28.11
CA GLN A 3 28.19 34.74 -27.74
C GLN A 3 27.89 35.77 -26.65
N MET A 4 28.60 35.63 -25.53
CA MET A 4 28.51 36.53 -24.39
C MET A 4 29.66 37.53 -24.46
N THR A 5 29.34 38.81 -24.57
CA THR A 5 30.37 39.84 -24.58
C THR A 5 30.32 40.60 -23.25
N GLN A 6 31.46 40.69 -22.58
CA GLN A 6 31.50 41.44 -21.34
C GLN A 6 32.24 42.74 -21.56
N SER A 7 31.82 43.76 -20.84
CA SER A 7 32.57 45.01 -20.80
C SER A 7 32.40 45.64 -19.43
N PRO A 8 33.44 46.34 -18.99
CA PRO A 8 34.70 46.47 -19.75
C PRO A 8 35.51 45.19 -19.70
N SER A 9 36.67 45.13 -20.36
CA SER A 9 37.53 43.95 -20.19
C SER A 9 38.38 44.07 -18.94
N SER A 10 38.66 45.28 -18.50
CA SER A 10 39.26 45.42 -17.19
C SER A 10 38.83 46.76 -16.63
N LEU A 11 39.07 46.94 -15.35
CA LEU A 11 38.60 48.15 -14.70
C LEU A 11 39.41 48.30 -13.42
N SER A 12 39.42 49.50 -12.90
CA SER A 12 40.23 49.78 -11.73
C SER A 12 39.40 50.66 -10.81
N ALA A 13 39.27 50.26 -9.55
CA ALA A 13 38.38 51.00 -8.67
C ALA A 13 38.95 50.97 -7.27
N SER A 14 38.54 51.95 -6.47
CA SER A 14 39.01 52.04 -5.10
C SER A 14 38.16 51.19 -4.18
N VAL A 15 38.74 50.86 -3.03
CA VAL A 15 37.99 50.20 -1.96
C VAL A 15 36.81 51.05 -1.57
N GLY A 16 35.62 50.44 -1.54
CA GLY A 16 34.38 51.12 -1.24
C GLY A 16 33.59 51.56 -2.46
N ASP A 17 34.23 51.62 -3.63
CA ASP A 17 33.51 52.08 -4.81
C ASP A 17 32.50 51.03 -5.24
N ARG A 18 31.42 51.51 -5.83
CA ARG A 18 30.44 50.67 -6.49
C ARG A 18 30.99 50.29 -7.88
N VAL A 19 31.08 48.99 -8.17
CA VAL A 19 31.62 48.47 -9.43
C VAL A 19 30.49 47.79 -10.20
N THR A 20 30.44 48.00 -11.51
CA THR A 20 29.40 47.36 -12.30
C THR A 20 30.00 46.78 -13.58
N ILE A 21 29.58 45.56 -13.90
CA ILE A 21 30.09 44.83 -15.04
C ILE A 21 28.89 44.35 -15.85
N THR A 22 28.93 44.56 -17.15
CA THR A 22 27.81 44.20 -18.01
C THR A 22 28.14 42.98 -18.87
N CYS A 23 27.10 42.22 -19.19
CA CYS A 23 27.21 41.05 -20.06
C CYS A 23 26.15 41.22 -21.13
N SER A 24 26.53 40.94 -22.37
CA SER A 24 25.65 41.10 -23.52
C SER A 24 25.58 39.78 -24.26
N ALA A 25 24.36 39.33 -24.55
CA ALA A 25 24.14 38.06 -25.24
C ALA A 25 23.76 38.32 -26.69
N SER A 26 24.21 37.43 -27.56
CA SER A 26 23.98 37.55 -29.01
C SER A 26 22.52 37.33 -29.39
N GLN A 27 21.68 36.96 -28.44
CA GLN A 27 20.28 36.65 -28.64
C GLN A 27 19.64 36.52 -27.26
N ASP A 28 18.31 36.67 -27.20
CA ASP A 28 17.61 36.60 -25.93
C ASP A 28 17.91 35.29 -25.22
N ILE A 29 18.19 35.37 -23.92
CA ILE A 29 18.46 34.17 -23.11
C ILE A 29 17.57 34.18 -21.86
N SER A 30 16.54 35.02 -21.86
CA SER A 30 15.65 35.07 -20.69
C SER A 30 16.39 35.60 -19.48
N ASN A 31 16.37 34.84 -18.38
CA ASN A 31 17.17 35.15 -17.22
C ASN A 31 18.18 34.04 -16.93
N TYR A 32 18.54 33.28 -17.96
CA TYR A 32 19.39 32.10 -17.79
C TYR A 32 20.86 32.51 -17.91
N LEU A 33 21.34 33.17 -16.85
CA LEU A 33 22.67 33.75 -16.81
C LEU A 33 23.25 33.69 -15.41
N ASN A 34 24.46 33.12 -15.26
CA ASN A 34 25.21 33.04 -14.00
C ASN A 34 26.46 33.91 -14.04
N TRP A 35 27.00 34.18 -12.85
CA TRP A 35 28.25 34.94 -12.70
C TRP A 35 29.23 34.19 -11.82
N TYR A 36 30.50 34.22 -12.22
CA TYR A 36 31.58 33.53 -11.51
C TYR A 36 32.72 34.50 -11.23
N GLN A 37 33.43 34.22 -10.13
CA GLN A 37 34.62 34.94 -9.71
C GLN A 37 35.79 33.97 -9.69
N GLN A 38 36.92 34.36 -10.29
CA GLN A 38 38.09 33.48 -10.35
C GLN A 38 39.29 34.24 -9.85
N LYS A 39 39.83 33.78 -8.74
CA LYS A 39 41.00 34.37 -8.14
C LYS A 39 42.24 33.64 -8.64
N PRO A 40 43.42 34.27 -8.53
CA PRO A 40 44.62 33.70 -9.16
C PRO A 40 44.91 32.29 -8.65
N GLY A 41 45.05 31.35 -9.58
CA GLY A 41 45.39 29.98 -9.24
C GLY A 41 44.28 29.13 -8.67
N LYS A 42 43.02 29.53 -8.80
CA LYS A 42 41.92 28.74 -8.25
C LYS A 42 40.84 28.51 -9.30
N ALA A 43 40.04 27.47 -9.08
CA ALA A 43 38.92 27.26 -9.98
C ALA A 43 37.91 28.40 -9.81
N PRO A 44 37.17 28.72 -10.86
CA PRO A 44 36.09 29.71 -10.72
C PRO A 44 35.10 29.33 -9.61
N LYS A 45 34.45 30.36 -9.05
CA LYS A 45 33.48 30.21 -7.97
C LYS A 45 32.19 30.93 -8.35
N VAL A 46 31.07 30.21 -8.27
CA VAL A 46 29.79 30.79 -8.66
C VAL A 46 29.38 31.84 -7.63
N LEU A 47 29.01 33.03 -8.11
CA LEU A 47 28.53 34.08 -7.23
C LEU A 47 27.02 34.20 -7.31
N ILE A 48 26.48 34.20 -8.52
CA ILE A 48 25.06 34.44 -8.76
C ILE A 48 24.59 33.53 -9.88
N TYR A 49 23.37 33.02 -9.74
CA TYR A 49 22.78 32.19 -10.77
C TYR A 49 21.37 32.69 -11.04
N PHE A 50 20.82 32.36 -12.21
CA PHE A 50 19.47 32.80 -12.56
C PHE A 50 19.35 34.33 -12.47
N THR A 51 20.34 35.03 -13.02
CA THR A 51 20.35 36.49 -13.09
C THR A 51 20.62 37.20 -11.77
N ASP A 52 19.91 36.83 -10.69
CA ASP A 52 19.97 37.61 -9.46
C ASP A 52 19.93 36.79 -8.17
N ASP A 53 20.08 35.47 -8.23
CA ASP A 53 19.98 34.66 -7.01
C ASP A 53 21.37 34.54 -6.38
N LEU A 54 21.58 35.19 -5.23
CA LEU A 54 22.86 35.11 -4.54
C LEU A 54 23.08 33.69 -4.07
N HIS A 55 24.19 33.10 -4.47
CA HIS A 55 24.54 31.77 -4.00
C HIS A 55 24.88 31.83 -2.52
N SER A 56 24.48 30.81 -1.77
CA SER A 56 24.71 30.83 -0.33
C SER A 56 26.20 30.88 -0.06
N GLY A 57 26.59 31.71 0.91
CA GLY A 57 27.98 31.86 1.30
C GLY A 57 28.70 33.02 0.63
N VAL A 58 28.02 33.77 -0.24
CA VAL A 58 28.63 34.83 -1.02
C VAL A 58 28.19 36.18 -0.44
N PRO A 59 29.10 37.11 -0.20
CA PRO A 59 28.71 38.38 0.45
C PRO A 59 27.59 39.06 -0.32
N SER A 60 26.67 39.68 0.43
CA SER A 60 25.54 40.39 -0.16
C SER A 60 25.95 41.62 -0.97
N ARG A 61 27.23 42.02 -0.93
CA ARG A 61 27.62 43.15 -1.77
C ARG A 61 27.70 42.78 -3.24
N PHE A 62 27.59 41.50 -3.59
CA PHE A 62 27.42 41.05 -4.96
C PHE A 62 25.93 40.92 -5.26
N SER A 63 25.53 41.43 -6.41
CA SER A 63 24.15 41.30 -6.87
C SER A 63 24.11 41.41 -8.39
N GLY A 64 23.02 40.88 -8.97
CA GLY A 64 22.87 40.86 -10.41
C GLY A 64 21.51 41.39 -10.83
N SER A 65 21.44 41.84 -12.08
CA SER A 65 20.16 42.24 -12.65
C SER A 65 20.23 42.07 -14.17
N GLY A 66 19.10 42.29 -14.82
CA GLY A 66 18.99 42.25 -16.26
C GLY A 66 18.00 41.22 -16.74
N SER A 67 18.03 40.99 -18.05
CA SER A 67 17.13 40.07 -18.75
C SER A 67 17.32 40.27 -20.24
N GLY A 68 16.69 39.41 -21.03
CA GLY A 68 16.81 39.49 -22.46
C GLY A 68 18.24 39.26 -22.90
N THR A 69 18.91 40.35 -23.28
CA THR A 69 20.27 40.29 -23.77
C THR A 69 21.23 41.15 -22.97
N ASP A 70 20.77 41.76 -21.87
CA ASP A 70 21.59 42.69 -21.10
C ASP A 70 21.56 42.28 -19.63
N PHE A 71 22.74 42.18 -19.05
CA PHE A 71 22.90 41.72 -17.67
C PHE A 71 24.01 42.51 -16.99
N THR A 72 23.83 42.71 -15.68
CA THR A 72 24.76 43.48 -14.90
C THR A 72 25.11 42.71 -13.64
N LEU A 73 26.39 42.64 -13.34
CA LEU A 73 26.88 42.23 -12.03
C LEU A 73 27.34 43.50 -11.30
N THR A 74 26.88 43.68 -10.07
CA THR A 74 27.23 44.86 -9.27
C THR A 74 27.98 44.44 -8.01
N ILE A 75 29.01 45.22 -7.66
CA ILE A 75 29.71 45.10 -6.38
C ILE A 75 29.47 46.41 -5.64
N SER A 76 28.61 46.38 -4.61
CA SER A 76 28.19 47.63 -4.00
C SER A 76 29.32 48.32 -3.23
N SER A 77 30.22 47.56 -2.61
CA SER A 77 31.39 48.16 -1.96
C SER A 77 32.60 47.28 -2.22
N LEU A 78 33.50 47.75 -3.10
CA LEU A 78 34.63 46.92 -3.53
C LEU A 78 35.62 46.69 -2.39
N GLN A 79 35.99 45.43 -2.20
CA GLN A 79 36.87 45.06 -1.11
C GLN A 79 38.20 44.57 -1.66
N PRO A 80 39.28 44.71 -0.90
CA PRO A 80 40.59 44.29 -1.42
C PRO A 80 40.60 42.85 -1.92
N GLU A 81 39.81 41.97 -1.30
CA GLU A 81 39.78 40.56 -1.70
C GLU A 81 38.85 40.29 -2.89
N ASP A 82 38.30 41.31 -3.55
CA ASP A 82 37.51 41.19 -4.76
C ASP A 82 38.36 41.30 -6.03
N PHE A 83 39.67 41.44 -5.88
CA PHE A 83 40.58 41.26 -6.99
C PHE A 83 40.35 39.90 -7.65
N ALA A 84 39.93 39.90 -8.91
CA ALA A 84 39.58 38.63 -9.55
C ALA A 84 39.19 38.89 -11.00
N THR A 85 39.07 37.82 -11.74
CA THR A 85 38.41 37.87 -13.03
C THR A 85 36.99 37.34 -12.86
N TYR A 86 36.02 38.09 -13.39
CA TYR A 86 34.60 37.80 -13.28
C TYR A 86 34.05 37.42 -14.65
N TYR A 87 33.33 36.29 -14.71
CA TYR A 87 32.81 35.73 -15.95
C TYR A 87 31.31 35.54 -15.84
N CYS A 88 30.61 35.77 -16.95
CA CYS A 88 29.19 35.42 -17.09
C CYS A 88 29.03 34.14 -17.89
N GLN A 89 27.91 33.45 -17.67
CA GLN A 89 27.66 32.15 -18.31
C GLN A 89 26.18 32.01 -18.59
N GLN A 90 25.83 31.78 -19.87
CA GLN A 90 24.44 31.51 -20.21
C GLN A 90 24.17 30.01 -20.17
N TYR A 91 22.95 29.65 -19.80
CA TYR A 91 22.50 28.26 -19.90
C TYR A 91 21.12 28.20 -20.57
N SER A 92 20.89 29.11 -21.53
CA SER A 92 19.69 29.03 -22.36
C SER A 92 19.79 27.93 -23.42
N THR A 93 20.94 27.77 -24.09
CA THR A 93 21.11 26.68 -25.06
C THR A 93 22.51 26.09 -24.98
N VAL A 94 22.60 24.78 -25.21
CA VAL A 94 23.91 24.14 -25.30
C VAL A 94 24.51 24.49 -26.65
N PRO A 95 25.83 24.59 -26.70
CA PRO A 95 26.73 24.46 -25.55
C PRO A 95 26.68 25.67 -24.60
N TRP A 96 26.87 25.48 -23.29
CA TRP A 96 27.02 26.61 -22.38
C TRP A 96 28.23 27.44 -22.82
N THR A 97 28.09 28.76 -22.78
CA THR A 97 29.16 29.63 -23.22
C THR A 97 29.38 30.75 -22.21
N PHE A 98 30.62 31.24 -22.17
CA PHE A 98 31.06 32.26 -21.22
C PHE A 98 31.43 33.52 -21.96
N GLY A 99 31.26 34.67 -21.29
CA GLY A 99 31.91 35.89 -21.70
C GLY A 99 33.43 35.82 -21.55
N GLN A 100 34.11 36.82 -22.11
CA GLN A 100 35.57 36.74 -22.24
C GLN A 100 36.31 37.08 -20.96
N GLY A 101 35.63 37.59 -19.94
CA GLY A 101 36.22 37.90 -18.67
C GLY A 101 36.32 39.40 -18.44
N THR A 102 36.23 39.80 -17.17
CA THR A 102 36.54 41.16 -16.73
C THR A 102 37.51 41.11 -15.57
N LYS A 103 38.71 41.68 -15.75
CA LYS A 103 39.72 41.77 -14.69
C LYS A 103 39.44 43.00 -13.83
N VAL A 104 39.22 42.80 -12.53
CA VAL A 104 39.01 43.89 -11.58
C VAL A 104 40.27 44.05 -10.74
N GLU A 105 40.96 45.18 -10.91
CA GLU A 105 42.10 45.56 -10.07
C GLU A 105 41.63 46.57 -9.03
N ILE A 106 42.32 46.59 -7.87
CA ILE A 106 42.02 47.54 -6.81
C ILE A 106 42.95 48.74 -6.94
N LYS A 107 42.39 49.95 -6.86
CA LYS A 107 43.18 51.16 -6.79
C LYS A 107 43.42 51.54 -5.33
N ARG A 108 44.64 51.99 -5.02
CA ARG A 108 45.00 52.30 -3.64
C ARG A 108 46.00 53.44 -3.65
N THR A 109 46.50 53.82 -2.47
CA THR A 109 47.47 54.91 -2.36
C THR A 109 48.85 54.46 -2.82
N VAL A 110 49.67 55.40 -3.29
CA VAL A 110 51.02 55.06 -3.71
C VAL A 110 51.80 54.44 -2.53
N ALA A 111 52.55 53.39 -2.84
CA ALA A 111 53.48 52.77 -1.90
C ALA A 111 54.78 52.47 -2.63
N ALA A 112 55.92 52.84 -2.00
CA ALA A 112 57.22 52.63 -2.60
C ALA A 112 57.72 51.21 -2.33
N PRO A 113 58.53 50.66 -3.25
CA PRO A 113 59.06 49.31 -3.04
C PRO A 113 60.18 49.31 -2.03
N SER A 114 60.20 48.25 -1.20
CA SER A 114 61.39 47.89 -0.45
C SER A 114 62.25 47.01 -1.33
N VAL A 115 63.54 47.36 -1.44
CA VAL A 115 64.43 46.78 -2.44
C VAL A 115 65.50 45.96 -1.73
N PHE A 116 65.70 44.72 -2.20
CA PHE A 116 66.75 43.85 -1.69
C PHE A 116 67.48 43.21 -2.87
N ILE A 117 68.76 42.89 -2.68
CA ILE A 117 69.57 42.27 -3.72
C ILE A 117 70.28 41.06 -3.13
N PHE A 118 70.33 39.97 -3.89
CA PHE A 118 70.88 38.70 -3.43
C PHE A 118 72.01 38.26 -4.36
N PRO A 119 73.22 38.07 -3.85
CA PRO A 119 74.29 37.55 -4.69
C PRO A 119 73.99 36.11 -5.10
N PRO A 120 74.67 35.59 -6.12
CA PRO A 120 74.52 34.15 -6.41
C PRO A 120 75.06 33.33 -5.24
N SER A 121 74.44 32.17 -5.04
CA SER A 121 74.91 31.27 -4.00
C SER A 121 76.24 30.65 -4.43
N ASP A 122 76.91 30.00 -3.48
CA ASP A 122 78.11 29.26 -3.87
C ASP A 122 77.75 27.95 -4.60
N GLU A 123 76.69 27.28 -4.16
CA GLU A 123 76.27 26.03 -4.79
C GLU A 123 75.98 26.22 -6.27
N GLN A 124 75.42 27.38 -6.66
CA GLN A 124 75.12 27.62 -8.08
C GLN A 124 76.37 27.97 -8.86
N LEU A 125 77.31 28.69 -8.25
CA LEU A 125 78.52 29.07 -8.97
C LEU A 125 79.31 27.85 -9.43
N LYS A 126 79.29 26.76 -8.67
CA LYS A 126 79.89 25.52 -9.14
C LYS A 126 79.34 25.14 -10.52
N SER A 127 78.02 25.05 -10.64
CA SER A 127 77.40 24.59 -11.88
C SER A 127 77.75 25.45 -13.08
N GLY A 128 78.45 26.59 -12.90
CA GLY A 128 78.95 27.37 -14.01
C GLY A 128 78.13 28.57 -14.41
N THR A 129 76.99 28.82 -13.74
CA THR A 129 76.15 30.00 -13.98
C THR A 129 76.01 30.75 -12.66
N ALA A 130 75.74 32.06 -12.76
CA ALA A 130 75.44 32.91 -11.60
C ALA A 130 74.17 33.70 -11.85
N SER A 131 73.24 33.64 -10.90
CA SER A 131 72.02 34.43 -10.97
C SER A 131 72.04 35.47 -9.86
N VAL A 132 71.83 36.72 -10.23
CA VAL A 132 71.72 37.81 -9.29
C VAL A 132 70.26 38.28 -9.30
N VAL A 133 69.67 38.41 -8.12
CA VAL A 133 68.24 38.66 -7.99
C VAL A 133 68.02 39.97 -7.25
N CYS A 134 67.18 40.81 -7.83
CA CYS A 134 66.68 42.04 -7.23
C CYS A 134 65.20 41.85 -6.93
N LEU A 135 64.80 42.15 -5.71
CA LEU A 135 63.43 42.01 -5.27
C LEU A 135 62.84 43.38 -4.95
N LEU A 136 61.66 43.65 -5.50
CA LEU A 136 60.89 44.86 -5.22
C LEU A 136 59.64 44.43 -4.48
N ASN A 137 59.58 44.68 -3.17
CA ASN A 137 58.50 44.16 -2.33
C ASN A 137 57.42 45.22 -2.07
N ASN A 138 56.16 44.84 -2.36
CA ASN A 138 54.95 45.47 -1.80
C ASN A 138 54.82 46.95 -2.18
N PHE A 139 54.52 47.18 -3.46
CA PHE A 139 54.48 48.54 -4.00
C PHE A 139 53.23 48.77 -4.85
N TYR A 140 52.96 50.04 -5.15
CA TYR A 140 51.80 50.45 -5.94
C TYR A 140 51.98 51.85 -6.53
N PRO A 141 51.68 52.03 -7.83
CA PRO A 141 51.10 51.06 -8.77
C PRO A 141 52.12 50.08 -9.39
N ARG A 142 51.66 49.33 -10.41
CA ARG A 142 52.41 48.19 -10.92
C ARG A 142 53.67 48.63 -11.64
N GLU A 143 53.61 49.73 -12.40
CA GLU A 143 54.75 50.14 -13.23
C GLU A 143 55.96 50.51 -12.38
N ALA A 144 57.07 49.82 -12.63
CA ALA A 144 58.36 50.09 -12.01
C ALA A 144 59.41 49.91 -13.09
N LYS A 145 60.62 50.42 -12.83
CA LYS A 145 61.76 50.25 -13.73
C LYS A 145 62.93 49.69 -12.93
N VAL A 146 63.54 48.63 -13.44
CA VAL A 146 64.75 48.05 -12.83
C VAL A 146 65.87 48.05 -13.86
N GLN A 147 67.00 48.65 -13.51
CA GLN A 147 68.20 48.61 -14.34
C GLN A 147 69.35 47.99 -13.58
N TRP A 148 70.05 47.07 -14.21
CA TRP A 148 71.24 46.48 -13.62
C TRP A 148 72.49 47.22 -14.11
N LYS A 149 73.47 47.34 -13.21
CA LYS A 149 74.79 47.85 -13.57
C LYS A 149 75.86 46.95 -12.95
N VAL A 150 76.82 46.52 -13.78
CA VAL A 150 77.98 45.74 -13.35
C VAL A 150 79.22 46.60 -13.51
N ASP A 151 79.84 46.97 -12.38
CA ASP A 151 80.97 47.92 -12.38
C ASP A 151 80.59 49.22 -13.06
N ASN A 152 79.35 49.64 -12.89
CA ASN A 152 78.78 50.87 -13.40
C ASN A 152 78.33 50.76 -14.85
N ALA A 153 78.52 49.62 -15.50
CA ALA A 153 78.10 49.39 -16.89
C ALA A 153 76.66 48.88 -16.91
N LEU A 154 75.77 49.67 -17.51
CA LEU A 154 74.38 49.27 -17.67
C LEU A 154 74.27 47.96 -18.45
N GLN A 155 73.57 46.97 -17.89
CA GLN A 155 73.26 45.74 -18.59
C GLN A 155 72.01 45.89 -19.45
N SER A 156 71.92 45.02 -20.44
CA SER A 156 70.74 44.93 -21.29
C SER A 156 70.73 43.55 -21.93
N GLY A 157 69.55 42.94 -21.96
CA GLY A 157 69.36 41.68 -22.64
C GLY A 157 69.60 40.44 -21.79
N ASN A 158 70.17 40.58 -20.59
CA ASN A 158 70.51 39.43 -19.76
C ASN A 158 69.71 39.36 -18.46
N SER A 159 68.48 39.92 -18.46
CA SER A 159 67.64 39.83 -17.27
C SER A 159 66.19 39.59 -17.67
N GLN A 160 65.45 39.00 -16.74
CA GLN A 160 64.02 38.74 -16.88
C GLN A 160 63.31 39.15 -15.59
N GLU A 161 62.11 39.69 -15.73
CA GLU A 161 61.33 40.12 -14.58
C GLU A 161 60.09 39.24 -14.41
N SER A 162 59.56 39.29 -13.20
CA SER A 162 58.35 38.57 -12.86
C SER A 162 57.60 39.40 -11.82
N VAL A 163 56.30 39.60 -12.05
CA VAL A 163 55.45 40.41 -11.19
C VAL A 163 54.40 39.52 -10.57
N THR A 164 54.21 39.63 -9.25
CA THR A 164 53.10 38.90 -8.62
C THR A 164 51.76 39.52 -9.00
N GLU A 165 50.72 38.73 -8.82
CA GLU A 165 49.34 39.23 -8.81
C GLU A 165 49.10 40.19 -7.64
N GLN A 166 48.19 41.13 -7.85
CA GLN A 166 47.81 42.05 -6.78
C GLN A 166 47.46 41.28 -5.51
N ASP A 167 48.05 41.72 -4.41
CA ASP A 167 47.87 41.04 -3.14
C ASP A 167 46.45 41.22 -2.63
N SER A 168 45.87 40.15 -2.08
CA SER A 168 44.45 40.17 -1.76
C SER A 168 44.12 40.77 -0.40
N LYS A 169 45.12 41.23 0.36
CA LYS A 169 44.88 41.94 1.61
C LYS A 169 45.30 43.40 1.56
N ASP A 170 46.42 43.72 0.91
CA ASP A 170 46.91 45.09 0.90
C ASP A 170 46.98 45.70 -0.48
N SER A 171 46.57 44.96 -1.52
CA SER A 171 46.48 45.53 -2.86
C SER A 171 47.84 45.92 -3.48
N THR A 172 48.95 45.41 -2.95
CA THR A 172 50.24 45.74 -3.52
C THR A 172 50.70 44.69 -4.53
N TYR A 173 51.85 44.97 -5.13
CA TYR A 173 52.53 44.09 -6.04
C TYR A 173 53.96 43.89 -5.54
N SER A 174 54.56 42.78 -5.94
CA SER A 174 55.97 42.54 -5.79
C SER A 174 56.56 42.15 -7.14
N LEU A 175 57.85 42.36 -7.29
CA LEU A 175 58.50 42.08 -8.56
C LEU A 175 59.90 41.54 -8.29
N SER A 176 60.31 40.56 -9.08
CA SER A 176 61.67 40.06 -9.04
C SER A 176 62.31 40.22 -10.41
N SER A 177 63.58 40.62 -10.42
CA SER A 177 64.38 40.76 -11.62
C SER A 177 65.61 39.89 -11.49
N THR A 178 65.83 39.00 -12.43
CA THR A 178 66.95 38.09 -12.33
C THR A 178 67.92 38.37 -13.46
N LEU A 179 69.19 38.61 -13.11
CA LEU A 179 70.28 38.87 -14.05
C LEU A 179 71.12 37.62 -14.18
N THR A 180 71.30 37.12 -15.39
CA THR A 180 72.02 35.86 -15.57
C THR A 180 73.36 36.11 -16.22
N LEU A 181 74.40 35.49 -15.64
CA LEU A 181 75.78 35.61 -16.09
C LEU A 181 76.41 34.23 -16.02
N SER A 182 77.43 34.02 -16.86
CA SER A 182 78.27 32.85 -16.68
C SER A 182 79.14 33.06 -15.44
N LYS A 183 79.64 31.95 -14.89
CA LYS A 183 80.57 32.05 -13.78
C LYS A 183 81.82 32.86 -14.15
N ALA A 184 82.20 32.87 -15.44
CA ALA A 184 83.38 33.62 -15.85
C ALA A 184 83.13 35.12 -15.77
N ASP A 185 82.06 35.59 -16.41
CA ASP A 185 81.74 37.02 -16.39
C ASP A 185 81.46 37.52 -14.98
N TYR A 186 80.99 36.67 -14.08
CA TYR A 186 80.65 37.16 -12.76
C TYR A 186 81.90 37.47 -11.93
N GLU A 187 82.98 36.72 -12.14
CA GLU A 187 84.20 36.97 -11.40
C GLU A 187 85.09 38.04 -12.03
N LYS A 188 84.87 38.35 -13.31
CA LYS A 188 85.59 39.45 -13.92
C LYS A 188 85.21 40.80 -13.31
N HIS A 189 84.04 40.92 -12.72
CA HIS A 189 83.56 42.21 -12.23
C HIS A 189 83.30 42.14 -10.73
N LYS A 190 83.30 43.31 -10.10
CA LYS A 190 83.23 43.44 -8.65
C LYS A 190 81.91 43.98 -8.12
N VAL A 191 81.40 45.08 -8.66
CA VAL A 191 80.27 45.80 -8.05
C VAL A 191 78.99 45.54 -8.84
N TYR A 192 77.97 45.00 -8.17
CA TYR A 192 76.68 44.66 -8.77
C TYR A 192 75.57 45.48 -8.15
N ALA A 193 74.77 46.12 -9.00
CA ALA A 193 73.73 47.04 -8.54
C ALA A 193 72.44 46.81 -9.33
N CYS A 194 71.30 47.12 -8.69
CA CYS A 194 70.05 47.35 -9.41
C CYS A 194 69.50 48.70 -9.00
N GLU A 195 69.08 49.48 -9.98
CA GLU A 195 68.54 50.82 -9.78
C GLU A 195 67.04 50.79 -10.08
N VAL A 196 66.25 51.18 -9.10
CA VAL A 196 64.80 51.04 -9.14
C VAL A 196 64.19 52.41 -9.28
N THR A 197 63.29 52.55 -10.24
CA THR A 197 62.57 53.80 -10.48
C THR A 197 61.08 53.53 -10.31
N HIS A 198 60.46 54.24 -9.39
CA HIS A 198 59.05 54.03 -9.10
C HIS A 198 58.43 55.31 -8.56
N GLN A 199 57.15 55.49 -8.88
CA GLN A 199 56.42 56.70 -8.54
C GLN A 199 56.53 57.03 -7.05
N GLY A 200 56.59 56.02 -6.18
CA GLY A 200 56.73 56.25 -4.76
C GLY A 200 58.09 56.76 -4.33
N LEU A 201 59.14 56.54 -5.13
CA LEU A 201 60.47 57.06 -4.82
C LEU A 201 60.64 58.44 -5.46
N SER A 202 61.13 59.40 -4.68
CA SER A 202 61.39 60.72 -5.25
C SER A 202 62.50 60.65 -6.30
N SER A 203 63.59 59.98 -5.98
CA SER A 203 64.65 59.69 -6.93
C SER A 203 64.96 58.21 -6.85
N PRO A 204 65.64 57.68 -7.86
CA PRO A 204 65.87 56.22 -7.91
C PRO A 204 66.59 55.72 -6.67
N VAL A 205 66.29 54.47 -6.29
CA VAL A 205 66.99 53.79 -5.20
C VAL A 205 67.89 52.73 -5.81
N THR A 206 69.07 52.56 -5.24
CA THR A 206 70.05 51.60 -5.72
C THR A 206 70.46 50.66 -4.60
N LYS A 207 70.58 49.39 -4.94
CA LYS A 207 71.06 48.37 -4.03
C LYS A 207 72.25 47.68 -4.69
N SER A 208 73.27 47.35 -3.91
CA SER A 208 74.47 46.77 -4.51
C SER A 208 75.24 45.98 -3.49
N PHE A 209 76.19 45.22 -4.00
CA PHE A 209 77.11 44.43 -3.22
C PHE A 209 78.38 44.30 -4.03
N ASN A 210 79.47 43.94 -3.37
CA ASN A 210 80.72 43.63 -4.06
C ASN A 210 80.95 42.13 -3.99
N ARG A 211 81.37 41.55 -5.11
CA ARG A 211 81.69 40.12 -5.09
C ARG A 211 82.61 39.79 -3.92
N GLY A 212 82.13 38.89 -3.04
CA GLY A 212 82.94 38.36 -1.96
C GLY A 212 82.90 39.11 -0.63
N GLU A 213 82.06 40.14 -0.48
CA GLU A 213 82.00 40.92 0.75
C GLU A 213 80.56 40.97 1.26
N CYS A 214 80.38 40.66 2.53
CA CYS A 214 79.09 40.78 3.22
C CYS A 214 79.00 42.12 3.97
N GLU B 1 32.71 16.72 3.60
CA GLU B 1 32.90 17.83 2.66
C GLU B 1 32.92 17.34 1.21
N VAL B 2 32.28 18.10 0.32
CA VAL B 2 32.21 17.74 -1.09
C VAL B 2 33.49 18.19 -1.78
N GLN B 3 34.29 17.22 -2.29
CA GLN B 3 35.50 17.55 -3.04
C GLN B 3 35.64 16.75 -4.33
N LEU B 4 36.15 17.44 -5.34
CA LEU B 4 36.50 16.89 -6.64
C LEU B 4 38.01 17.00 -6.79
N VAL B 5 38.67 15.85 -6.97
CA VAL B 5 40.12 15.78 -7.09
C VAL B 5 40.49 15.24 -8.46
N GLU B 6 41.11 16.06 -9.28
CA GLU B 6 41.48 15.58 -10.60
C GLU B 6 42.92 15.09 -10.59
N SER B 7 43.29 14.38 -11.65
CA SER B 7 44.63 13.86 -11.81
C SER B 7 44.76 13.33 -13.22
N GLY B 8 46.01 13.20 -13.68
CA GLY B 8 46.31 12.73 -15.02
C GLY B 8 46.93 13.77 -15.91
N GLY B 9 46.96 15.04 -15.48
CA GLY B 9 47.64 16.05 -16.27
C GLY B 9 49.11 15.72 -16.46
N GLY B 10 49.71 16.37 -17.45
CA GLY B 10 51.13 16.18 -17.68
C GLY B 10 51.50 16.53 -19.10
N LEU B 11 52.72 16.14 -19.46
CA LEU B 11 53.22 16.31 -20.81
C LEU B 11 52.63 15.26 -21.74
N VAL B 12 52.28 15.66 -22.94
CA VAL B 12 51.89 14.71 -23.99
C VAL B 12 52.32 15.29 -25.33
N GLN B 13 52.78 14.44 -26.23
CA GLN B 13 53.27 14.92 -27.50
C GLN B 13 52.13 15.34 -28.41
N PRO B 14 52.35 16.37 -29.26
CA PRO B 14 51.37 16.68 -30.30
C PRO B 14 50.87 15.40 -30.94
N GLY B 15 49.59 15.31 -31.26
CA GLY B 15 49.08 14.09 -31.85
C GLY B 15 48.92 12.91 -30.90
N GLY B 16 49.26 13.06 -29.63
CA GLY B 16 49.11 11.99 -28.66
C GLY B 16 47.77 12.00 -27.93
N SER B 17 47.70 11.18 -26.88
CA SER B 17 46.44 10.98 -26.19
C SER B 17 46.67 10.73 -24.69
N LEU B 18 45.70 11.11 -23.87
CA LEU B 18 45.75 10.77 -22.45
C LEU B 18 44.36 10.80 -21.85
N ARG B 19 44.28 10.25 -20.64
CA ARG B 19 43.04 10.19 -19.90
C ARG B 19 43.18 11.00 -18.62
N LEU B 20 42.25 11.92 -18.42
CA LEU B 20 42.11 12.66 -17.17
C LEU B 20 41.02 12.02 -16.33
N SER B 21 41.19 12.10 -15.00
CA SER B 21 40.30 11.48 -14.05
C SER B 21 39.90 12.48 -12.98
N CYS B 22 38.63 12.40 -12.55
CA CYS B 22 38.04 13.32 -11.59
C CYS B 22 37.32 12.49 -10.52
N ALA B 23 38.00 12.26 -9.40
CA ALA B 23 37.46 11.44 -8.32
C ALA B 23 36.60 12.29 -7.39
N ALA B 24 35.35 11.90 -7.20
CA ALA B 24 34.45 12.64 -6.33
C ALA B 24 34.34 11.97 -4.97
N SER B 25 34.02 12.77 -3.95
CA SER B 25 33.84 12.27 -2.59
C SER B 25 32.95 13.23 -1.81
N GLY B 26 32.29 12.69 -0.78
CA GLY B 26 31.47 13.52 0.08
C GLY B 26 30.08 13.80 -0.44
N TYR B 27 29.52 12.94 -1.29
CA TYR B 27 28.15 13.03 -1.80
C TYR B 27 27.97 11.82 -2.70
N ASP B 28 26.75 11.60 -3.16
CA ASP B 28 26.44 10.49 -4.06
C ASP B 28 26.77 10.86 -5.50
N PHE B 29 27.82 10.23 -6.04
CA PHE B 29 28.31 10.54 -7.37
C PHE B 29 27.22 10.40 -8.44
N ASP B 30 26.27 9.48 -8.26
CA ASP B 30 25.27 9.18 -9.29
C ASP B 30 24.17 10.21 -9.41
N ASN B 31 24.10 11.19 -8.50
CA ASN B 31 22.92 12.04 -8.41
C ASN B 31 23.07 13.40 -9.09
N TYR B 32 24.26 13.77 -9.59
CA TYR B 32 24.49 15.06 -10.23
C TYR B 32 25.39 14.92 -11.45
N GLY B 33 25.04 15.62 -12.52
CA GLY B 33 25.85 15.56 -13.73
C GLY B 33 27.22 16.16 -13.54
N MET B 34 28.18 15.61 -14.26
CA MET B 34 29.56 16.07 -14.17
C MET B 34 29.91 16.80 -15.45
N ASN B 35 30.38 18.04 -15.31
CA ASN B 35 30.82 18.91 -16.39
C ASN B 35 32.34 18.93 -16.50
N TRP B 36 32.83 19.16 -17.72
CA TRP B 36 34.24 19.39 -17.97
C TRP B 36 34.42 20.78 -18.55
N VAL B 37 35.39 21.51 -18.01
CA VAL B 37 35.66 22.87 -18.43
C VAL B 37 37.17 23.05 -18.47
N ARG B 38 37.66 23.73 -19.50
CA ARG B 38 39.08 23.93 -19.67
C ARG B 38 39.40 25.42 -19.79
N GLN B 39 40.61 25.76 -19.39
CA GLN B 39 41.11 27.14 -19.43
C GLN B 39 42.57 27.12 -19.89
N ALA B 40 42.82 27.70 -21.06
CA ALA B 40 44.17 27.77 -21.57
C ALA B 40 44.96 28.85 -20.83
N PRO B 41 46.28 28.72 -20.73
CA PRO B 41 47.08 29.67 -19.93
C PRO B 41 46.81 31.14 -20.28
N GLY B 42 46.31 31.90 -19.32
CA GLY B 42 45.99 33.31 -19.50
C GLY B 42 44.69 33.63 -20.22
N LYS B 43 43.84 32.65 -20.47
CA LYS B 43 42.70 32.78 -21.37
C LYS B 43 41.37 32.57 -20.62
N GLY B 44 40.28 32.52 -21.39
CA GLY B 44 38.95 32.39 -20.84
C GLY B 44 38.60 30.93 -20.56
N LEU B 45 37.31 30.72 -20.25
CA LEU B 45 36.74 29.42 -19.90
C LEU B 45 36.01 28.82 -21.08
N GLU B 46 36.09 27.50 -21.23
CA GLU B 46 35.52 26.79 -22.38
C GLU B 46 34.80 25.54 -21.89
N TRP B 47 33.48 25.45 -22.13
CA TRP B 47 32.70 24.30 -21.69
C TRP B 47 32.90 23.16 -22.68
N VAL B 48 33.40 22.01 -22.20
CA VAL B 48 33.67 20.89 -23.09
C VAL B 48 32.40 20.04 -23.27
N GLY B 49 31.62 19.90 -22.22
CA GLY B 49 30.40 19.12 -22.25
C GLY B 49 30.16 18.56 -20.87
N TRP B 50 29.20 17.64 -20.78
CA TRP B 50 28.88 17.03 -19.49
C TRP B 50 28.42 15.59 -19.70
N ILE B 51 28.33 14.86 -18.60
CA ILE B 51 27.95 13.45 -18.65
C ILE B 51 26.94 13.16 -17.52
N ASN B 52 25.89 12.40 -17.85
CA ASN B 52 24.88 11.96 -16.89
C ASN B 52 25.46 10.82 -16.04
N THR B 53 25.62 11.07 -14.75
CA THR B 53 26.31 10.09 -13.92
C THR B 53 25.42 8.94 -13.48
N TYR B 54 24.12 9.06 -13.68
CA TYR B 54 23.22 7.97 -13.33
C TYR B 54 23.08 6.97 -14.46
N THR B 55 22.97 7.46 -15.71
CA THR B 55 22.80 6.60 -16.88
C THR B 55 24.09 6.38 -17.67
N GLY B 56 25.03 7.33 -17.62
CA GLY B 56 26.27 7.27 -18.37
C GLY B 56 26.28 8.01 -19.70
N GLU B 57 25.22 8.68 -20.03
CA GLU B 57 25.05 9.30 -21.35
C GLU B 57 25.82 10.61 -21.44
N PRO B 58 26.69 10.78 -22.44
CA PRO B 58 27.49 12.00 -22.58
C PRO B 58 26.84 13.01 -23.52
N THR B 59 27.22 14.26 -23.33
CA THR B 59 26.78 15.34 -24.23
C THR B 59 27.95 16.28 -24.45
N TYR B 60 28.36 16.45 -25.71
CA TYR B 60 29.58 17.15 -26.08
C TYR B 60 29.27 18.46 -26.78
N ALA B 61 29.91 19.53 -26.34
CA ALA B 61 30.07 20.69 -27.21
C ALA B 61 30.60 20.23 -28.57
N ALA B 62 30.19 20.90 -29.64
CA ALA B 62 30.48 20.40 -30.99
C ALA B 62 31.98 20.31 -31.26
N ASP B 63 32.74 21.38 -30.97
CA ASP B 63 34.17 21.38 -31.27
C ASP B 63 34.93 20.25 -30.59
N PHE B 64 34.34 19.62 -29.58
CA PHE B 64 35.04 18.61 -28.81
C PHE B 64 34.63 17.18 -29.16
N LYS B 65 33.66 17.02 -30.07
CA LYS B 65 33.03 15.71 -30.25
C LYS B 65 34.01 14.68 -30.84
N ARG B 66 34.93 15.11 -31.72
CA ARG B 66 35.70 14.10 -32.43
C ARG B 66 36.87 13.57 -31.59
N ARG B 67 37.49 14.38 -30.75
CA ARG B 67 38.69 14.00 -30.03
C ARG B 67 38.55 13.84 -28.51
N PHE B 68 37.38 14.18 -27.92
CA PHE B 68 37.17 14.07 -26.46
C PHE B 68 36.06 13.05 -26.14
N THR B 69 36.32 12.17 -25.17
CA THR B 69 35.42 11.10 -24.80
C THR B 69 35.18 11.11 -23.29
N PHE B 70 33.91 11.02 -22.86
CA PHE B 70 33.59 10.93 -21.44
C PHE B 70 33.30 9.47 -21.06
N SER B 71 33.56 9.14 -19.80
CA SER B 71 33.14 7.83 -19.29
C SER B 71 33.12 7.87 -17.76
N LEU B 72 32.59 6.81 -17.15
CA LEU B 72 32.33 6.71 -15.72
C LEU B 72 32.92 5.44 -15.15
N ASP B 73 33.12 5.46 -13.83
CA ASP B 73 33.32 4.24 -13.03
C ASP B 73 32.55 4.49 -11.72
N THR B 74 31.28 4.10 -11.68
CA THR B 74 30.46 4.52 -10.54
C THR B 74 30.92 3.84 -9.25
N SER B 75 31.45 2.60 -9.33
CA SER B 75 31.98 1.96 -8.13
C SER B 75 33.10 2.78 -7.50
N LYS B 76 33.97 3.40 -8.30
CA LYS B 76 35.01 4.26 -7.75
C LYS B 76 34.63 5.74 -7.79
N SER B 77 33.37 6.07 -8.11
CA SER B 77 32.87 7.45 -8.10
C SER B 77 33.83 8.40 -8.82
N THR B 78 34.19 8.04 -10.05
CA THR B 78 35.18 8.77 -10.82
C THR B 78 34.66 8.99 -12.23
N ALA B 79 34.86 10.20 -12.74
CA ALA B 79 34.58 10.56 -14.12
C ALA B 79 35.90 10.71 -14.89
N TYR B 80 35.91 10.28 -16.14
CA TYR B 80 37.10 10.33 -16.98
C TYR B 80 36.86 11.19 -18.21
N LEU B 81 37.88 11.95 -18.59
CA LEU B 81 37.92 12.67 -19.87
C LEU B 81 39.15 12.21 -20.64
N GLN B 82 38.94 11.51 -21.74
CA GLN B 82 40.00 10.97 -22.60
C GLN B 82 40.14 11.87 -23.83
N MET B 83 41.38 12.16 -24.25
CA MET B 83 41.59 13.06 -25.38
C MET B 83 42.71 12.55 -26.28
N ASN B 84 42.52 12.68 -27.60
CA ASN B 84 43.56 12.25 -28.53
C ASN B 84 43.72 13.27 -29.65
N SER B 85 44.59 12.95 -30.60
CA SER B 85 44.96 13.85 -31.69
C SER B 85 45.32 15.26 -31.18
N LEU B 86 45.94 15.32 -30.00
CA LEU B 86 46.07 16.59 -29.30
C LEU B 86 46.95 17.59 -30.07
N ARG B 87 46.64 18.86 -29.85
CA ARG B 87 47.33 19.98 -30.45
C ARG B 87 47.70 21.00 -29.38
N ALA B 88 48.62 21.89 -29.77
CA ALA B 88 49.08 22.94 -28.88
C ALA B 88 47.92 23.73 -28.27
N GLU B 89 46.92 24.07 -29.08
CA GLU B 89 45.76 24.80 -28.57
C GLU B 89 44.94 24.02 -27.55
N ASP B 90 45.26 22.76 -27.26
CA ASP B 90 44.62 22.04 -26.18
C ASP B 90 45.41 22.10 -24.88
N THR B 91 46.59 22.72 -24.89
CA THR B 91 47.27 23.03 -23.64
C THR B 91 46.37 23.91 -22.77
N ALA B 92 46.07 23.45 -21.56
CA ALA B 92 45.05 24.10 -20.73
C ALA B 92 44.98 23.38 -19.41
N VAL B 93 44.39 24.07 -18.40
CA VAL B 93 43.96 23.41 -17.18
C VAL B 93 42.54 22.90 -17.40
N TYR B 94 42.33 21.62 -17.12
CA TYR B 94 41.06 20.96 -17.34
C TYR B 94 40.38 20.77 -15.99
N TYR B 95 39.16 21.30 -15.85
CA TYR B 95 38.38 21.19 -14.62
C TYR B 95 37.19 20.25 -14.81
N CYS B 96 36.87 19.51 -13.74
CA CYS B 96 35.56 18.91 -13.62
C CYS B 96 34.76 19.72 -12.61
N ALA B 97 33.46 19.89 -12.88
CA ALA B 97 32.60 20.67 -12.00
C ALA B 97 31.21 20.04 -11.98
N LYS B 98 30.70 19.79 -10.77
CA LYS B 98 29.44 19.09 -10.59
C LYS B 98 28.27 20.08 -10.58
N TYR B 99 27.13 19.61 -11.08
CA TYR B 99 25.91 20.38 -11.02
C TYR B 99 25.40 20.44 -9.58
N PRO B 100 24.56 21.43 -9.26
CA PRO B 100 24.09 21.64 -7.88
C PRO B 100 22.81 20.88 -7.52
N HIS B 101 22.59 20.78 -6.22
CA HIS B 101 21.26 20.57 -5.67
C HIS B 101 20.34 21.67 -6.19
N TYR B 102 19.13 21.29 -6.64
CA TYR B 102 18.12 22.27 -7.00
C TYR B 102 17.15 22.51 -5.85
N TYR B 103 16.49 23.66 -5.88
CA TYR B 103 15.51 23.96 -4.83
C TYR B 103 14.15 24.34 -5.43
N GLY B 104 14.10 25.39 -6.23
CA GLY B 104 12.91 25.58 -7.03
C GLY B 104 13.10 24.94 -8.39
N SER B 105 13.44 25.76 -9.37
CA SER B 105 13.64 25.29 -10.74
C SER B 105 15.09 24.90 -10.96
N SER B 106 15.34 24.20 -12.07
CA SER B 106 16.68 23.76 -12.41
C SER B 106 17.49 24.89 -13.03
N HIS B 107 18.72 25.06 -12.52
CA HIS B 107 19.62 26.12 -12.97
C HIS B 107 20.99 25.53 -13.19
N TRP B 108 21.46 25.55 -14.44
CA TRP B 108 22.68 24.83 -14.82
C TRP B 108 23.90 25.73 -14.65
N TYR B 109 24.26 25.94 -13.39
CA TYR B 109 25.55 26.53 -13.04
C TYR B 109 26.44 25.44 -12.45
N PHE B 110 27.73 25.75 -12.35
CA PHE B 110 28.73 24.81 -11.90
C PHE B 110 29.02 25.06 -10.42
N ASP B 111 28.71 24.06 -9.60
CA ASP B 111 28.59 24.17 -8.16
C ASP B 111 29.93 23.98 -7.45
N VAL B 112 30.53 22.80 -7.61
CA VAL B 112 31.81 22.50 -6.99
C VAL B 112 32.79 22.06 -8.09
N TRP B 113 33.98 22.66 -8.09
CA TRP B 113 34.99 22.35 -9.10
C TRP B 113 36.09 21.49 -8.49
N GLY B 114 36.81 20.79 -9.37
CA GLY B 114 38.09 20.22 -9.01
C GLY B 114 39.15 21.29 -8.97
N GLN B 115 40.32 20.94 -8.41
CA GLN B 115 41.44 21.86 -8.39
C GLN B 115 42.03 22.08 -9.79
N GLY B 116 41.67 21.24 -10.75
CA GLY B 116 42.24 21.43 -12.07
C GLY B 116 43.52 20.63 -12.26
N THR B 117 43.77 20.27 -13.49
CA THR B 117 44.95 19.49 -13.82
C THR B 117 45.43 19.97 -15.17
N LEU B 118 46.74 20.22 -15.27
CA LEU B 118 47.32 20.91 -16.42
C LEU B 118 47.84 19.94 -17.48
N VAL B 119 47.38 20.11 -18.72
CA VAL B 119 47.80 19.30 -19.86
C VAL B 119 48.69 20.18 -20.73
N THR B 120 49.92 19.75 -20.98
CA THR B 120 50.89 20.52 -21.77
C THR B 120 51.25 19.73 -23.03
N VAL B 121 50.89 20.24 -24.21
CA VAL B 121 51.16 19.53 -25.46
C VAL B 121 52.55 19.93 -25.94
N SER B 122 53.55 19.07 -25.70
CA SER B 122 54.93 19.38 -26.02
C SER B 122 55.72 18.08 -26.19
N SER B 123 56.79 18.18 -26.96
CA SER B 123 57.72 17.07 -27.13
C SER B 123 58.88 17.13 -26.17
N ALA B 124 59.07 18.24 -25.48
CA ALA B 124 60.22 18.39 -24.59
C ALA B 124 60.20 17.35 -23.47
N SER B 125 61.35 17.14 -22.89
CA SER B 125 61.47 16.13 -21.84
C SER B 125 61.26 16.76 -20.47
N THR B 126 60.95 15.91 -19.50
CA THR B 126 60.80 16.36 -18.12
C THR B 126 62.18 16.65 -17.52
N LYS B 127 62.30 17.81 -16.88
CA LYS B 127 63.53 18.17 -16.20
C LYS B 127 63.22 18.77 -14.83
N GLY B 128 63.80 18.20 -13.77
CA GLY B 128 63.64 18.70 -12.42
C GLY B 128 64.49 19.93 -12.08
N PRO B 129 64.01 20.74 -11.14
CA PRO B 129 64.69 22.00 -10.83
C PRO B 129 65.91 21.83 -9.94
N SER B 130 66.77 22.86 -9.98
CA SER B 130 67.80 23.12 -8.98
C SER B 130 67.29 24.15 -7.98
N VAL B 131 67.61 23.99 -6.71
CA VAL B 131 67.13 24.91 -5.69
C VAL B 131 68.33 25.54 -4.98
N PHE B 132 68.43 26.86 -5.06
CA PHE B 132 69.54 27.66 -4.53
C PHE B 132 69.04 28.65 -3.48
N PRO B 133 69.79 28.85 -2.42
CA PRO B 133 69.37 29.82 -1.39
C PRO B 133 69.55 31.25 -1.86
N LEU B 134 68.57 32.08 -1.54
CA LEU B 134 68.71 33.53 -1.55
C LEU B 134 68.92 33.95 -0.10
N ALA B 135 70.19 34.13 0.29
CA ALA B 135 70.53 34.31 1.70
C ALA B 135 70.21 35.74 2.17
N PRO B 136 69.77 35.91 3.41
CA PRO B 136 69.61 37.26 3.95
C PRO B 136 70.96 37.90 4.24
N SER B 137 71.03 39.23 4.10
CA SER B 137 72.31 39.95 4.27
C SER B 137 72.49 40.55 5.67
N GLY B 144 63.91 46.43 11.99
CA GLY B 144 64.46 45.86 10.78
C GLY B 144 63.73 44.61 10.28
N THR B 145 63.45 44.59 8.98
CA THR B 145 62.82 43.45 8.29
C THR B 145 63.79 42.90 7.25
N ALA B 146 64.03 41.59 7.27
CA ALA B 146 64.93 40.93 6.34
C ALA B 146 64.18 40.10 5.30
N ALA B 147 64.69 40.11 4.07
CA ALA B 147 64.19 39.30 2.97
C ALA B 147 65.07 38.10 2.75
N LEU B 148 64.45 36.93 2.58
CA LEU B 148 65.18 35.74 2.17
C LEU B 148 64.30 34.94 1.23
N GLY B 149 64.89 33.98 0.55
CA GLY B 149 64.10 33.19 -0.38
C GLY B 149 64.90 32.04 -0.92
N CYS B 150 64.33 31.37 -1.93
CA CYS B 150 65.10 30.39 -2.68
C CYS B 150 64.73 30.47 -4.16
N LEU B 151 65.72 30.16 -4.99
CA LEU B 151 65.63 30.28 -6.43
C LEU B 151 65.50 28.88 -7.02
N VAL B 152 64.37 28.63 -7.67
CA VAL B 152 64.01 27.33 -8.23
C VAL B 152 64.30 27.42 -9.72
N LYS B 153 65.41 26.86 -10.19
CA LYS B 153 65.89 27.16 -11.54
C LYS B 153 65.91 25.94 -12.44
N ASP B 154 65.50 26.17 -13.69
CA ASP B 154 65.69 25.25 -14.81
C ASP B 154 64.88 23.94 -14.70
N TYR B 155 63.55 24.06 -14.75
CA TYR B 155 62.65 22.91 -14.71
C TYR B 155 61.70 22.96 -15.89
N PHE B 156 61.05 21.82 -16.14
CA PHE B 156 60.03 21.66 -17.18
C PHE B 156 59.30 20.34 -16.98
N PRO B 157 57.97 20.36 -17.10
CA PRO B 157 57.15 21.53 -17.36
C PRO B 157 56.63 22.17 -16.06
N GLU B 158 55.80 23.20 -16.17
CA GLU B 158 55.04 23.69 -15.01
C GLU B 158 54.17 22.54 -14.48
N PRO B 159 53.84 22.54 -13.17
CA PRO B 159 54.10 23.58 -12.16
C PRO B 159 55.04 23.10 -11.08
N VAL B 160 55.54 24.05 -10.30
CA VAL B 160 56.26 23.76 -9.08
C VAL B 160 55.49 24.38 -7.93
N THR B 161 55.44 23.68 -6.81
CA THR B 161 54.90 24.24 -5.60
C THR B 161 56.06 24.58 -4.66
N VAL B 162 55.89 25.65 -3.91
CA VAL B 162 56.86 26.09 -2.92
C VAL B 162 56.10 26.47 -1.66
N SER B 163 56.51 25.90 -0.54
CA SER B 163 56.05 26.34 0.78
C SER B 163 57.26 26.59 1.67
N TRP B 164 57.00 27.22 2.81
CA TRP B 164 58.05 27.56 3.76
C TRP B 164 57.72 26.94 5.10
N ASN B 165 58.66 26.15 5.63
CA ASN B 165 58.53 25.47 6.92
C ASN B 165 57.29 24.60 6.95
N SER B 166 56.90 24.10 5.78
CA SER B 166 55.81 23.13 5.64
C SER B 166 54.44 23.75 5.91
N GLY B 167 54.26 25.02 5.53
CA GLY B 167 53.00 25.70 5.70
C GLY B 167 52.86 26.44 6.99
N ALA B 168 53.75 26.19 7.96
CA ALA B 168 53.78 27.01 9.16
C ALA B 168 53.92 28.49 8.80
N LEU B 169 54.72 28.78 7.77
CA LEU B 169 55.10 30.14 7.41
C LEU B 169 54.37 30.54 6.14
N THR B 170 53.46 31.51 6.27
CA THR B 170 52.62 31.84 5.14
C THR B 170 52.53 33.35 4.95
N SER B 171 52.60 34.14 6.03
CA SER B 171 52.51 35.57 5.81
C SER B 171 53.89 36.13 5.43
N GLY B 172 53.87 37.17 4.61
CA GLY B 172 55.09 37.70 4.03
C GLY B 172 55.67 36.91 2.86
N VAL B 173 55.01 35.81 2.41
CA VAL B 173 55.57 35.01 1.34
C VAL B 173 55.12 35.54 -0.01
N HIS B 174 56.04 35.57 -0.96
CA HIS B 174 55.73 35.84 -2.36
C HIS B 174 56.40 34.77 -3.21
N THR B 175 55.61 34.03 -3.98
CA THR B 175 56.12 33.07 -4.95
C THR B 175 55.81 33.59 -6.35
N PHE B 176 56.79 34.22 -6.98
CA PHE B 176 56.60 34.86 -8.26
C PHE B 176 56.25 33.85 -9.34
N PRO B 177 55.49 34.28 -10.35
CA PRO B 177 55.16 33.37 -11.45
C PRO B 177 56.41 32.96 -12.22
N ALA B 178 56.42 31.72 -12.72
CA ALA B 178 57.57 31.25 -13.46
C ALA B 178 57.77 32.08 -14.71
N VAL B 179 59.02 32.34 -15.02
CA VAL B 179 59.43 32.97 -16.27
C VAL B 179 60.12 31.91 -17.12
N LEU B 180 59.82 31.90 -18.41
CA LEU B 180 60.46 30.95 -19.31
C LEU B 180 61.78 31.56 -19.80
N GLN B 181 62.86 30.80 -19.66
CA GLN B 181 64.17 31.24 -20.12
C GLN B 181 64.36 30.88 -21.60
N SER B 182 65.42 31.44 -22.19
CA SER B 182 65.73 31.12 -23.58
C SER B 182 66.11 29.67 -23.76
N SER B 183 66.56 29.00 -22.70
CA SER B 183 66.79 27.57 -22.77
C SER B 183 65.50 26.77 -22.84
N GLY B 184 64.34 27.42 -22.79
CA GLY B 184 63.08 26.69 -22.78
C GLY B 184 62.74 26.07 -21.44
N LEU B 185 63.52 26.31 -20.40
CA LEU B 185 63.22 25.87 -19.05
C LEU B 185 62.69 27.03 -18.23
N TYR B 186 61.86 26.69 -17.24
CA TYR B 186 61.26 27.67 -16.36
C TYR B 186 62.20 28.00 -15.21
N SER B 187 61.97 29.16 -14.61
CA SER B 187 62.71 29.55 -13.43
C SER B 187 61.80 30.45 -12.60
N LEU B 188 61.86 30.29 -11.28
CA LEU B 188 61.07 31.16 -10.42
C LEU B 188 61.80 31.39 -9.11
N SER B 189 61.36 32.42 -8.40
CA SER B 189 61.85 32.70 -7.07
C SER B 189 60.71 32.67 -6.08
N SER B 190 61.05 32.32 -4.84
CA SER B 190 60.11 32.40 -3.73
C SER B 190 60.81 33.11 -2.58
N VAL B 191 60.22 34.20 -2.11
CA VAL B 191 60.83 35.03 -1.08
C VAL B 191 59.86 35.20 0.08
N VAL B 192 60.44 35.42 1.26
CA VAL B 192 59.67 35.76 2.44
C VAL B 192 60.43 36.84 3.21
N THR B 193 59.69 37.85 3.66
CA THR B 193 60.22 38.88 4.54
C THR B 193 59.97 38.48 5.99
N VAL B 194 60.98 38.60 6.83
CA VAL B 194 60.88 38.13 8.21
C VAL B 194 61.59 39.11 9.15
N PRO B 195 61.20 39.11 10.42
CA PRO B 195 61.86 40.01 11.38
C PRO B 195 63.37 39.77 11.45
N SER B 196 64.11 40.87 11.31
CA SER B 196 65.56 40.81 11.20
C SER B 196 66.24 40.17 12.41
N SER B 197 65.58 40.15 13.56
CA SER B 197 66.16 39.62 14.79
C SER B 197 65.93 38.13 14.97
N SER B 198 65.07 37.53 14.16
CA SER B 198 64.84 36.09 14.21
C SER B 198 65.85 35.29 13.40
N LEU B 199 66.79 35.95 12.70
CA LEU B 199 67.68 35.21 11.80
C LEU B 199 68.56 34.21 12.55
N GLY B 200 68.90 34.50 13.80
CA GLY B 200 69.68 33.57 14.59
C GLY B 200 68.90 32.33 15.00
N THR B 201 67.86 32.53 15.81
CA THR B 201 67.05 31.43 16.31
C THR B 201 66.29 30.73 15.18
N GLN B 202 65.26 31.39 14.64
CA GLN B 202 64.28 30.75 13.77
C GLN B 202 64.92 30.15 12.52
N THR B 203 64.53 28.89 12.21
CA THR B 203 64.99 28.21 11.00
C THR B 203 64.02 28.43 9.86
N TYR B 204 64.56 28.56 8.64
CA TYR B 204 63.77 28.78 7.44
C TYR B 204 64.14 27.75 6.38
N ILE B 205 63.25 26.77 6.19
CA ILE B 205 63.39 25.77 5.15
C ILE B 205 62.35 26.07 4.07
N CYS B 206 62.76 25.96 2.81
CA CYS B 206 61.80 26.07 1.73
C CYS B 206 61.60 24.69 1.10
N ASN B 207 60.32 24.37 0.80
CA ASN B 207 59.89 23.05 0.35
C ASN B 207 59.45 23.15 -1.11
N VAL B 208 60.23 22.58 -2.01
CA VAL B 208 59.93 22.62 -3.44
C VAL B 208 59.47 21.24 -3.89
N ASN B 209 58.33 21.19 -4.55
CA ASN B 209 57.83 19.94 -5.10
C ASN B 209 57.58 20.13 -6.59
N HIS B 210 58.29 19.36 -7.41
CA HIS B 210 58.03 19.30 -8.85
C HIS B 210 57.53 17.89 -9.16
N LYS B 211 56.21 17.70 -9.08
CA LYS B 211 55.67 16.36 -9.30
C LYS B 211 56.03 15.76 -10.66
N PRO B 212 55.97 16.50 -11.81
CA PRO B 212 56.29 15.87 -13.10
C PRO B 212 57.61 15.11 -13.12
N SER B 213 58.49 15.35 -12.14
CA SER B 213 59.79 14.70 -12.12
C SER B 213 60.09 14.03 -10.78
N ASN B 214 59.10 13.91 -9.89
CA ASN B 214 59.31 13.42 -8.54
C ASN B 214 60.54 14.04 -7.89
N THR B 215 60.62 15.37 -7.97
CA THR B 215 61.62 16.15 -7.25
C THR B 215 60.96 16.81 -6.06
N LYS B 216 61.43 16.49 -4.86
CA LYS B 216 61.12 17.27 -3.66
C LYS B 216 62.44 17.67 -3.05
N VAL B 217 62.62 18.97 -2.86
CA VAL B 217 63.80 19.52 -2.22
C VAL B 217 63.35 20.29 -1.00
N ASP B 218 64.15 20.22 0.07
CA ASP B 218 64.03 21.16 1.19
C ASP B 218 65.38 21.86 1.31
N LYS B 219 65.39 23.16 1.09
CA LYS B 219 66.61 23.93 1.22
C LYS B 219 66.49 24.79 2.46
N LYS B 220 67.38 24.55 3.44
CA LYS B 220 67.49 25.46 4.56
C LYS B 220 68.22 26.71 4.10
N VAL B 221 67.66 27.87 4.42
CA VAL B 221 68.26 29.15 4.05
C VAL B 221 68.68 29.85 5.33
N GLU B 222 69.99 30.14 5.48
CA GLU B 222 70.35 31.00 6.60
C GLU B 222 71.47 31.96 6.21
N PRO B 223 71.80 32.94 7.05
CA PRO B 223 72.66 34.04 6.60
C PRO B 223 74.04 33.52 6.24
N LYS B 224 74.61 34.10 5.19
CA LYS B 224 75.95 33.68 4.78
C LYS B 224 77.01 34.35 5.67
N SER B 225 77.91 33.53 6.22
CA SER B 225 79.12 34.06 6.82
C SER B 225 80.14 34.35 5.72
N CYS B 226 80.68 35.56 5.72
CA CYS B 226 81.68 35.92 4.71
C CYS B 226 83.00 36.30 5.37
N ASP B 227 84.05 36.21 4.57
CA ASP B 227 85.41 36.41 5.04
C ASP B 227 85.91 37.83 4.81
N LYS B 228 85.14 38.67 4.13
CA LYS B 228 85.38 40.10 4.05
C LYS B 228 84.06 40.80 4.35
N THR B 229 84.14 42.02 4.86
CA THR B 229 82.95 42.84 5.06
C THR B 229 83.24 44.29 4.68
N HIS B 230 82.39 44.84 3.81
CA HIS B 230 82.52 46.24 3.38
C HIS B 230 81.89 47.18 4.42
N ASP C 1 -49.16 -11.12 -6.74
CA ASP C 1 -48.76 -12.36 -6.07
C ASP C 1 -48.81 -13.51 -7.04
N ILE C 2 -47.71 -14.25 -7.12
CA ILE C 2 -47.64 -15.39 -8.03
C ILE C 2 -48.31 -16.60 -7.37
N GLN C 3 -49.32 -17.16 -8.03
CA GLN C 3 -49.98 -18.38 -7.55
C GLN C 3 -49.28 -19.61 -8.09
N MET C 4 -48.88 -20.50 -7.18
CA MET C 4 -48.30 -21.79 -7.50
C MET C 4 -49.33 -22.87 -7.25
N THR C 5 -49.51 -23.77 -8.22
CA THR C 5 -50.51 -24.83 -8.11
C THR C 5 -49.86 -26.17 -8.41
N GLN C 6 -49.91 -27.08 -7.45
CA GLN C 6 -49.32 -28.41 -7.56
C GLN C 6 -50.35 -29.44 -7.96
N SER C 7 -49.89 -30.49 -8.63
CA SER C 7 -50.71 -31.67 -8.87
C SER C 7 -49.82 -32.90 -8.98
N PRO C 8 -50.33 -34.02 -8.49
CA PRO C 8 -51.70 -34.00 -7.96
C PRO C 8 -51.72 -33.40 -6.54
N SER C 9 -52.85 -33.47 -5.84
CA SER C 9 -52.85 -33.06 -4.44
C SER C 9 -52.37 -34.16 -3.52
N SER C 10 -52.64 -35.42 -3.87
CA SER C 10 -52.08 -36.52 -3.11
C SER C 10 -51.88 -37.69 -4.05
N LEU C 11 -51.08 -38.67 -3.61
CA LEU C 11 -50.84 -39.83 -4.44
C LEU C 11 -50.30 -40.95 -3.58
N SER C 12 -50.46 -42.18 -4.10
CA SER C 12 -50.00 -43.41 -3.46
C SER C 12 -49.15 -44.14 -4.45
N ALA C 13 -47.99 -44.60 -3.99
CA ALA C 13 -47.13 -45.36 -4.87
C ALA C 13 -46.38 -46.36 -4.04
N SER C 14 -45.94 -47.42 -4.68
CA SER C 14 -45.25 -48.46 -3.97
C SER C 14 -43.77 -48.14 -3.90
N VAL C 15 -43.08 -48.80 -2.95
CA VAL C 15 -41.63 -48.69 -2.89
C VAL C 15 -41.03 -49.11 -4.21
N GLY C 16 -40.17 -48.25 -4.78
CA GLY C 16 -39.57 -48.49 -6.06
C GLY C 16 -40.19 -47.72 -7.21
N ASP C 17 -41.45 -47.31 -7.10
CA ASP C 17 -42.11 -46.59 -8.18
C ASP C 17 -41.41 -45.26 -8.45
N ARG C 18 -41.43 -44.85 -9.71
CA ARG C 18 -41.10 -43.48 -10.06
C ARG C 18 -42.32 -42.62 -9.73
N VAL C 19 -42.12 -41.54 -9.00
CA VAL C 19 -43.21 -40.64 -8.64
C VAL C 19 -42.89 -39.28 -9.21
N THR C 20 -43.92 -38.60 -9.69
CA THR C 20 -43.77 -37.33 -10.38
C THR C 20 -44.76 -36.34 -9.78
N ILE C 21 -44.30 -35.13 -9.50
CA ILE C 21 -45.13 -34.06 -8.97
C ILE C 21 -44.87 -32.82 -9.80
N THR C 22 -45.92 -32.16 -10.24
CA THR C 22 -45.73 -30.98 -11.06
C THR C 22 -46.19 -29.74 -10.33
N CYS C 23 -45.74 -28.62 -10.85
CA CYS C 23 -46.05 -27.35 -10.25
C CYS C 23 -46.20 -26.36 -11.40
N SER C 24 -47.33 -25.67 -11.43
CA SER C 24 -47.62 -24.66 -12.43
C SER C 24 -47.66 -23.32 -11.73
N ALA C 25 -47.09 -22.31 -12.38
CA ALA C 25 -47.03 -20.97 -11.81
C ALA C 25 -47.91 -20.03 -12.62
N SER C 26 -48.59 -19.11 -11.94
CA SER C 26 -49.48 -18.17 -12.62
C SER C 26 -48.74 -17.24 -13.58
N GLN C 27 -47.41 -17.21 -13.55
CA GLN C 27 -46.66 -16.40 -14.51
C GLN C 27 -45.22 -16.88 -14.51
N ASP C 28 -44.49 -16.49 -15.57
CA ASP C 28 -43.14 -16.98 -15.78
C ASP C 28 -42.26 -16.63 -14.59
N ILE C 29 -41.54 -17.62 -14.06
CA ILE C 29 -40.62 -17.41 -12.95
C ILE C 29 -39.21 -17.88 -13.31
N SER C 30 -38.93 -17.97 -14.62
CA SER C 30 -37.67 -18.51 -15.13
C SER C 30 -37.38 -19.85 -14.50
N ASN C 31 -36.30 -19.90 -13.71
CA ASN C 31 -35.90 -21.12 -13.02
C ASN C 31 -35.84 -20.92 -11.51
N TYR C 32 -36.43 -19.83 -11.02
CA TYR C 32 -36.40 -19.50 -9.60
C TYR C 32 -37.48 -20.28 -8.84
N LEU C 33 -37.27 -21.60 -8.75
CA LEU C 33 -38.21 -22.51 -8.10
C LEU C 33 -37.47 -23.53 -7.25
N ASN C 34 -37.92 -23.70 -5.99
CA ASN C 34 -37.39 -24.68 -5.04
C ASN C 34 -38.45 -25.69 -4.62
N TRP C 35 -37.99 -26.83 -4.11
CA TRP C 35 -38.83 -27.91 -3.64
C TRP C 35 -38.48 -28.22 -2.19
N TYR C 36 -39.50 -28.32 -1.32
CA TYR C 36 -39.33 -28.70 0.07
C TYR C 36 -40.05 -30.01 0.36
N GLN C 37 -39.56 -30.75 1.34
CA GLN C 37 -40.24 -31.91 1.88
C GLN C 37 -40.57 -31.62 3.35
N GLN C 38 -41.79 -31.94 3.78
CA GLN C 38 -42.18 -31.69 5.17
C GLN C 38 -42.75 -32.95 5.80
N LYS C 39 -42.12 -33.40 6.84
CA LYS C 39 -42.54 -34.60 7.50
C LYS C 39 -43.39 -34.27 8.70
N PRO C 40 -44.22 -35.19 9.16
CA PRO C 40 -45.19 -34.87 10.22
C PRO C 40 -44.51 -34.31 11.47
N GLY C 41 -45.00 -33.14 11.90
CA GLY C 41 -44.45 -32.47 13.07
C GLY C 41 -43.09 -31.82 12.91
N LYS C 42 -42.60 -31.60 11.69
CA LYS C 42 -41.29 -31.01 11.51
C LYS C 42 -41.38 -29.77 10.62
N ALA C 43 -40.32 -28.98 10.63
CA ALA C 43 -40.19 -27.91 9.64
C ALA C 43 -39.90 -28.51 8.26
N PRO C 44 -40.31 -27.83 7.19
CA PRO C 44 -39.92 -28.30 5.85
C PRO C 44 -38.40 -28.31 5.67
N LYS C 45 -37.95 -29.18 4.79
CA LYS C 45 -36.53 -29.32 4.49
C LYS C 45 -36.33 -29.12 3.00
N VAL C 46 -35.46 -28.19 2.61
CA VAL C 46 -35.25 -27.94 1.18
C VAL C 46 -34.58 -29.16 0.56
N LEU C 47 -35.12 -29.60 -0.57
CA LEU C 47 -34.54 -30.69 -1.35
C LEU C 47 -33.75 -30.14 -2.54
N ILE C 48 -34.33 -29.17 -3.23
CA ILE C 48 -33.85 -28.74 -4.52
C ILE C 48 -34.05 -27.25 -4.60
N TYR C 49 -33.05 -26.53 -5.10
CA TYR C 49 -33.22 -25.13 -5.41
C TYR C 49 -32.83 -24.86 -6.86
N PHE C 50 -33.25 -23.70 -7.37
CA PHE C 50 -32.91 -23.28 -8.73
C PHE C 50 -33.34 -24.34 -9.74
N THR C 51 -34.60 -24.76 -9.64
CA THR C 51 -35.19 -25.79 -10.50
C THR C 51 -34.61 -27.18 -10.29
N ASP C 52 -33.28 -27.31 -10.26
CA ASP C 52 -32.67 -28.64 -10.33
C ASP C 52 -31.37 -28.82 -9.54
N ASP C 53 -30.86 -27.80 -8.84
CA ASP C 53 -29.68 -27.99 -8.00
C ASP C 53 -30.07 -28.73 -6.73
N LEU C 54 -29.49 -29.91 -6.56
CA LEU C 54 -29.78 -30.78 -5.41
C LEU C 54 -29.02 -30.27 -4.20
N HIS C 55 -29.73 -30.06 -3.09
CA HIS C 55 -29.09 -29.61 -1.85
C HIS C 55 -28.24 -30.74 -1.27
N SER C 56 -27.12 -30.38 -0.66
CA SER C 56 -26.24 -31.39 -0.09
C SER C 56 -26.92 -32.11 1.06
N GLY C 57 -26.72 -33.41 1.12
CA GLY C 57 -27.38 -34.26 2.07
C GLY C 57 -28.68 -34.89 1.58
N VAL C 58 -29.16 -34.51 0.41
CA VAL C 58 -30.43 -35.00 -0.11
C VAL C 58 -30.14 -36.17 -1.08
N PRO C 59 -30.74 -37.34 -0.88
CA PRO C 59 -30.47 -38.47 -1.77
C PRO C 59 -30.63 -38.05 -3.22
N SER C 60 -29.90 -38.73 -4.10
CA SER C 60 -29.91 -38.39 -5.51
C SER C 60 -31.11 -38.97 -6.24
N ARG C 61 -31.96 -39.74 -5.57
CA ARG C 61 -33.19 -40.17 -6.21
C ARG C 61 -34.19 -39.04 -6.39
N PHE C 62 -33.93 -37.86 -5.80
CA PHE C 62 -34.75 -36.68 -6.03
C PHE C 62 -34.09 -35.84 -7.12
N SER C 63 -34.92 -35.23 -7.96
CA SER C 63 -34.39 -34.37 -8.99
C SER C 63 -35.54 -33.50 -9.47
N GLY C 64 -35.19 -32.37 -10.11
CA GLY C 64 -36.17 -31.44 -10.60
C GLY C 64 -35.84 -30.99 -12.01
N SER C 65 -36.88 -30.51 -12.71
CA SER C 65 -36.75 -29.98 -14.05
C SER C 65 -37.84 -28.93 -14.25
N GLY C 66 -37.80 -28.29 -15.42
CA GLY C 66 -38.82 -27.37 -15.87
C GLY C 66 -38.28 -25.99 -16.16
N SER C 67 -39.20 -25.09 -16.49
CA SER C 67 -38.85 -23.70 -16.72
C SER C 67 -40.14 -22.92 -16.97
N GLY C 68 -40.05 -21.59 -16.87
CA GLY C 68 -41.15 -20.71 -17.19
C GLY C 68 -42.30 -20.82 -16.20
N THR C 69 -43.35 -21.56 -16.59
CA THR C 69 -44.49 -21.81 -15.72
C THR C 69 -44.69 -23.27 -15.35
N ASP C 70 -43.85 -24.20 -15.81
CA ASP C 70 -44.07 -25.62 -15.53
C ASP C 70 -42.82 -26.29 -15.02
N PHE C 71 -42.97 -27.08 -13.96
CA PHE C 71 -41.85 -27.58 -13.19
C PHE C 71 -42.25 -28.94 -12.65
N THR C 72 -41.24 -29.76 -12.40
CA THR C 72 -41.50 -31.13 -12.03
C THR C 72 -40.48 -31.59 -11.01
N LEU C 73 -40.97 -32.27 -10.00
CA LEU C 73 -40.16 -32.98 -9.03
C LEU C 73 -40.37 -34.46 -9.23
N THR C 74 -39.28 -35.22 -9.34
CA THR C 74 -39.30 -36.65 -9.58
C THR C 74 -38.60 -37.33 -8.43
N ILE C 75 -39.21 -38.40 -7.92
CA ILE C 75 -38.53 -39.32 -7.02
C ILE C 75 -38.31 -40.63 -7.79
N SER C 76 -37.08 -40.87 -8.22
CA SER C 76 -36.90 -41.94 -9.20
C SER C 76 -37.13 -43.32 -8.61
N SER C 77 -37.15 -43.47 -7.28
CA SER C 77 -37.39 -44.78 -6.65
C SER C 77 -37.97 -44.56 -5.24
N LEU C 78 -39.30 -44.42 -5.16
CA LEU C 78 -39.91 -44.07 -3.90
C LEU C 78 -39.47 -45.01 -2.78
N GLN C 79 -39.00 -44.44 -1.69
CA GLN C 79 -38.62 -45.17 -0.49
C GLN C 79 -39.64 -44.95 0.64
N PRO C 80 -39.75 -45.89 1.58
CA PRO C 80 -40.76 -45.71 2.64
C PRO C 80 -40.62 -44.39 3.38
N GLU C 81 -39.38 -43.95 3.67
CA GLU C 81 -39.23 -42.68 4.37
C GLU C 81 -39.58 -41.47 3.50
N ASP C 82 -39.98 -41.65 2.26
CA ASP C 82 -40.33 -40.50 1.46
C ASP C 82 -41.76 -40.07 1.69
N PHE C 83 -42.48 -40.77 2.55
CA PHE C 83 -43.75 -40.24 3.06
C PHE C 83 -43.55 -38.83 3.59
N ALA C 84 -44.29 -37.89 3.03
CA ALA C 84 -44.20 -36.46 3.41
C ALA C 84 -45.14 -35.67 2.52
N THR C 85 -45.29 -34.39 2.85
CA THR C 85 -45.96 -33.44 1.97
C THR C 85 -44.88 -32.60 1.27
N TYR C 86 -44.99 -32.44 -0.05
CA TYR C 86 -43.97 -31.77 -0.85
C TYR C 86 -44.50 -30.43 -1.33
N TYR C 87 -43.71 -29.38 -1.14
CA TYR C 87 -44.10 -28.03 -1.50
C TYR C 87 -43.08 -27.44 -2.45
N CYS C 88 -43.56 -26.71 -3.46
CA CYS C 88 -42.74 -25.86 -4.30
C CYS C 88 -42.83 -24.40 -3.81
N GLN C 89 -41.84 -23.60 -4.20
CA GLN C 89 -41.74 -22.20 -3.77
C GLN C 89 -41.03 -21.40 -4.84
N GLN C 90 -41.64 -20.31 -5.27
CA GLN C 90 -41.02 -19.41 -6.25
C GLN C 90 -40.28 -18.27 -5.52
N TYR C 91 -39.13 -17.87 -6.06
CA TYR C 91 -38.45 -16.65 -5.59
C TYR C 91 -38.18 -15.70 -6.75
N SER C 92 -39.08 -15.65 -7.72
CA SER C 92 -38.93 -14.70 -8.81
C SER C 92 -39.28 -13.29 -8.36
N THR C 93 -40.39 -13.11 -7.66
CA THR C 93 -40.77 -11.80 -7.15
C THR C 93 -41.38 -11.97 -5.76
N VAL C 94 -41.17 -10.95 -4.90
CA VAL C 94 -41.78 -10.92 -3.58
C VAL C 94 -43.26 -10.53 -3.72
N PRO C 95 -44.12 -11.12 -2.90
CA PRO C 95 -43.71 -12.02 -1.82
C PRO C 95 -43.45 -13.42 -2.32
N TRP C 96 -42.51 -14.11 -1.67
CA TRP C 96 -42.33 -15.53 -1.92
C TRP C 96 -43.64 -16.27 -1.70
N THR C 97 -44.01 -17.15 -2.62
CA THR C 97 -45.24 -17.91 -2.43
C THR C 97 -44.98 -19.39 -2.63
N PHE C 98 -45.86 -20.21 -2.05
CA PHE C 98 -45.76 -21.67 -2.04
C PHE C 98 -46.96 -22.31 -2.73
N GLY C 99 -46.74 -23.53 -3.26
CA GLY C 99 -47.88 -24.32 -3.69
C GLY C 99 -48.66 -24.86 -2.51
N GLN C 100 -49.76 -25.52 -2.79
CA GLN C 100 -50.62 -26.01 -1.73
C GLN C 100 -50.10 -27.28 -1.08
N GLY C 101 -49.15 -27.97 -1.70
CA GLY C 101 -48.63 -29.20 -1.14
C GLY C 101 -49.21 -30.42 -1.83
N THR C 102 -48.40 -31.47 -1.91
CA THR C 102 -48.78 -32.76 -2.48
C THR C 102 -48.44 -33.82 -1.47
N LYS C 103 -49.46 -34.54 -0.99
CA LYS C 103 -49.26 -35.61 -0.01
C LYS C 103 -48.83 -36.88 -0.72
N VAL C 104 -47.76 -37.51 -0.26
CA VAL C 104 -47.24 -38.76 -0.81
C VAL C 104 -47.39 -39.86 0.22
N GLU C 105 -48.22 -40.86 -0.08
CA GLU C 105 -48.41 -42.04 0.75
C GLU C 105 -47.75 -43.25 0.07
N ILE C 106 -47.13 -44.12 0.86
CA ILE C 106 -46.55 -45.35 0.36
C ILE C 106 -47.61 -46.44 0.37
N LYS C 107 -47.74 -47.18 -0.74
CA LYS C 107 -48.58 -48.38 -0.79
C LYS C 107 -47.74 -49.62 -0.49
N ARG C 108 -48.32 -50.55 0.26
CA ARG C 108 -47.60 -51.74 0.70
C ARG C 108 -48.59 -52.88 0.85
N THR C 109 -48.07 -54.06 1.22
CA THR C 109 -48.93 -55.23 1.34
C THR C 109 -49.81 -55.10 2.58
N VAL C 110 -51.03 -55.66 2.47
CA VAL C 110 -51.99 -55.65 3.56
C VAL C 110 -51.39 -56.23 4.83
N ALA C 111 -51.61 -55.55 5.94
CA ALA C 111 -51.23 -56.03 7.27
C ALA C 111 -52.38 -55.76 8.24
N ALA C 112 -52.86 -56.82 8.91
CA ALA C 112 -53.96 -56.76 9.86
C ALA C 112 -53.52 -56.05 11.13
N PRO C 113 -54.43 -55.33 11.81
CA PRO C 113 -54.09 -54.74 13.11
C PRO C 113 -54.00 -55.77 14.21
N SER C 114 -53.11 -55.51 15.16
CA SER C 114 -53.18 -56.12 16.47
C SER C 114 -54.10 -55.28 17.35
N VAL C 115 -55.01 -55.94 18.09
CA VAL C 115 -56.06 -55.25 18.82
C VAL C 115 -55.86 -55.42 20.32
N PHE C 116 -56.05 -54.31 21.07
CA PHE C 116 -55.95 -54.28 22.52
C PHE C 116 -57.08 -53.43 23.08
N ILE C 117 -57.62 -53.83 24.23
CA ILE C 117 -58.63 -53.04 24.91
C ILE C 117 -58.15 -52.70 26.32
N PHE C 118 -58.46 -51.49 26.78
CA PHE C 118 -57.96 -50.99 28.06
C PHE C 118 -59.16 -50.47 28.87
N PRO C 119 -59.48 -51.09 30.01
CA PRO C 119 -60.53 -50.55 30.87
C PRO C 119 -60.11 -49.21 31.45
N PRO C 120 -61.05 -48.39 31.90
CA PRO C 120 -60.68 -47.17 32.61
C PRO C 120 -59.86 -47.53 33.84
N SER C 121 -58.92 -46.66 34.19
CA SER C 121 -58.03 -46.84 35.33
C SER C 121 -58.75 -46.50 36.62
N ASP C 122 -58.36 -47.14 37.71
CA ASP C 122 -58.98 -46.77 38.98
C ASP C 122 -58.76 -45.29 39.30
N GLU C 123 -57.62 -44.72 38.87
CA GLU C 123 -57.46 -43.27 39.04
C GLU C 123 -58.62 -42.53 38.42
N GLN C 124 -58.90 -42.79 37.14
CA GLN C 124 -59.85 -41.94 36.43
C GLN C 124 -61.22 -42.03 37.05
N LEU C 125 -61.64 -43.26 37.40
CA LEU C 125 -62.94 -43.47 38.01
C LEU C 125 -63.08 -42.71 39.32
N LYS C 126 -61.98 -42.54 40.07
CA LYS C 126 -62.02 -41.73 41.27
C LYS C 126 -62.67 -40.38 41.01
N SER C 127 -62.38 -39.76 39.86
CA SER C 127 -62.87 -38.43 39.56
C SER C 127 -64.16 -38.42 38.77
N GLY C 128 -64.78 -39.58 38.54
CA GLY C 128 -66.16 -39.61 38.10
C GLY C 128 -66.40 -39.89 36.64
N THR C 129 -65.36 -40.15 35.83
CA THR C 129 -65.51 -40.48 34.41
C THR C 129 -64.86 -41.82 34.08
N ALA C 130 -65.38 -42.45 33.03
CA ALA C 130 -64.82 -43.68 32.49
C ALA C 130 -64.45 -43.48 31.03
N SER C 131 -63.19 -43.74 30.69
CA SER C 131 -62.72 -43.79 29.30
C SER C 131 -62.24 -45.20 29.00
N VAL C 132 -62.86 -45.85 28.01
CA VAL C 132 -62.42 -47.15 27.49
C VAL C 132 -61.69 -46.93 26.17
N VAL C 133 -60.49 -47.51 26.05
CA VAL C 133 -59.63 -47.26 24.90
C VAL C 133 -59.39 -48.56 24.15
N CYS C 134 -59.49 -48.49 22.82
CA CYS C 134 -59.26 -49.63 21.95
C CYS C 134 -58.15 -49.22 20.99
N LEU C 135 -57.14 -50.06 20.90
CA LEU C 135 -55.96 -49.81 20.08
C LEU C 135 -55.91 -50.79 18.91
N LEU C 136 -55.81 -50.25 17.71
CA LEU C 136 -55.47 -51.01 16.51
C LEU C 136 -54.06 -50.60 16.12
N ASN C 137 -53.16 -51.56 16.05
CA ASN C 137 -51.74 -51.30 16.05
C ASN C 137 -51.12 -51.85 14.76
N ASN C 138 -50.47 -50.97 13.99
CA ASN C 138 -49.58 -51.31 12.86
C ASN C 138 -50.32 -52.11 11.77
N PHE C 139 -51.19 -51.42 11.05
CA PHE C 139 -51.98 -52.08 10.02
C PHE C 139 -51.89 -51.29 8.72
N TYR C 140 -52.44 -51.90 7.66
CA TYR C 140 -52.48 -51.33 6.29
C TYR C 140 -53.47 -52.10 5.43
N PRO C 141 -54.31 -51.41 4.67
CA PRO C 141 -54.44 -49.96 4.48
C PRO C 141 -55.07 -49.19 5.67
N ARG C 142 -55.19 -47.86 5.54
CA ARG C 142 -55.62 -47.02 6.66
C ARG C 142 -57.07 -47.27 7.05
N GLU C 143 -57.93 -47.64 6.11
CA GLU C 143 -59.35 -47.77 6.41
C GLU C 143 -59.61 -48.92 7.38
N ALA C 144 -60.31 -48.63 8.47
CA ALA C 144 -60.64 -49.64 9.46
C ALA C 144 -61.96 -49.26 10.11
N LYS C 145 -62.63 -50.24 10.68
CA LYS C 145 -63.91 -50.02 11.32
C LYS C 145 -63.83 -50.56 12.74
N VAL C 146 -64.23 -49.72 13.70
CA VAL C 146 -64.28 -50.09 15.11
C VAL C 146 -65.70 -49.86 15.58
N GLN C 147 -66.36 -50.90 16.04
CA GLN C 147 -67.65 -50.79 16.70
C GLN C 147 -67.49 -51.14 18.18
N TRP C 148 -68.07 -50.32 19.05
CA TRP C 148 -68.12 -50.58 20.48
C TRP C 148 -69.44 -51.24 20.87
N LYS C 149 -69.36 -52.26 21.74
CA LYS C 149 -70.54 -52.95 22.25
C LYS C 149 -70.46 -53.05 23.76
N VAL C 150 -71.50 -52.60 24.44
CA VAL C 150 -71.61 -52.62 25.89
C VAL C 150 -72.77 -53.55 26.25
N ASP C 151 -72.48 -54.62 26.98
CA ASP C 151 -73.48 -55.66 27.24
C ASP C 151 -74.24 -56.03 25.95
N ASN C 152 -73.50 -56.07 24.85
CA ASN C 152 -73.98 -56.45 23.51
C ASN C 152 -74.78 -55.37 22.80
N ALA C 153 -75.12 -54.27 23.46
CA ALA C 153 -75.74 -53.14 22.79
C ALA C 153 -74.70 -52.39 21.95
N LEU C 154 -74.95 -52.27 20.65
CA LEU C 154 -74.08 -51.48 19.79
C LEU C 154 -74.16 -50.00 20.20
N GLN C 155 -73.00 -49.37 20.34
CA GLN C 155 -72.88 -48.00 20.82
C GLN C 155 -72.81 -47.03 19.65
N SER C 156 -73.02 -45.76 19.97
CA SER C 156 -73.23 -44.77 18.92
C SER C 156 -73.11 -43.37 19.48
N GLY C 157 -72.24 -42.56 18.90
CA GLY C 157 -72.11 -41.17 19.28
C GLY C 157 -71.35 -40.87 20.56
N ASN C 158 -70.81 -41.87 21.25
CA ASN C 158 -70.03 -41.62 22.46
C ASN C 158 -68.57 -42.07 22.30
N SER C 159 -68.04 -42.08 21.08
CA SER C 159 -66.67 -42.51 20.86
C SER C 159 -65.99 -41.60 19.84
N GLN C 160 -64.67 -41.47 19.98
CA GLN C 160 -63.83 -40.71 19.04
C GLN C 160 -62.60 -41.50 18.67
N GLU C 161 -62.14 -41.31 17.43
CA GLU C 161 -60.98 -42.02 16.89
C GLU C 161 -59.84 -41.07 16.55
N SER C 162 -58.63 -41.59 16.60
CA SER C 162 -57.45 -40.88 16.18
C SER C 162 -56.59 -41.87 15.40
N VAL C 163 -55.99 -41.41 14.30
CA VAL C 163 -55.10 -42.23 13.48
C VAL C 163 -53.74 -41.57 13.45
N THR C 164 -52.67 -42.37 13.58
CA THR C 164 -51.33 -41.83 13.38
C THR C 164 -51.05 -41.60 11.90
N GLU C 165 -50.01 -40.82 11.64
CA GLU C 165 -49.46 -40.67 10.31
C GLU C 165 -48.75 -41.96 9.90
N GLN C 166 -48.61 -42.17 8.59
CA GLN C 166 -47.97 -43.39 8.11
C GLN C 166 -46.56 -43.51 8.68
N ASP C 167 -46.25 -44.69 9.22
CA ASP C 167 -44.93 -44.92 9.78
C ASP C 167 -43.86 -44.81 8.69
N SER C 168 -42.74 -44.21 9.02
CA SER C 168 -41.74 -43.94 7.99
C SER C 168 -40.79 -45.11 7.74
N LYS C 169 -40.81 -46.16 8.55
CA LYS C 169 -40.03 -47.36 8.23
C LYS C 169 -40.89 -48.51 7.68
N ASP C 170 -42.06 -48.79 8.24
CA ASP C 170 -42.85 -49.92 7.75
C ASP C 170 -44.17 -49.52 7.09
N SER C 171 -44.49 -48.23 7.04
CA SER C 171 -45.63 -47.73 6.26
C SER C 171 -46.97 -48.16 6.81
N THR C 172 -47.05 -48.50 8.10
CA THR C 172 -48.31 -48.90 8.70
C THR C 172 -48.94 -47.69 9.39
N TYR C 173 -50.23 -47.85 9.70
CA TYR C 173 -50.98 -46.95 10.56
C TYR C 173 -51.35 -47.63 11.86
N SER C 174 -51.67 -46.82 12.85
CA SER C 174 -52.26 -47.25 14.11
C SER C 174 -53.41 -46.31 14.45
N LEU C 175 -54.37 -46.82 15.20
CA LEU C 175 -55.59 -46.09 15.46
C LEU C 175 -55.96 -46.27 16.92
N SER C 176 -56.55 -45.26 17.52
CA SER C 176 -57.16 -45.47 18.82
C SER C 176 -58.60 -44.98 18.80
N SER C 177 -59.47 -45.74 19.43
CA SER C 177 -60.85 -45.37 19.62
C SER C 177 -61.14 -45.28 21.12
N THR C 178 -61.74 -44.17 21.55
CA THR C 178 -62.04 -43.97 22.96
C THR C 178 -63.56 -43.89 23.17
N LEU C 179 -64.08 -44.74 24.03
CA LEU C 179 -65.47 -44.73 24.42
C LEU C 179 -65.56 -44.01 25.77
N THR C 180 -66.35 -42.94 25.84
CA THR C 180 -66.47 -42.14 27.04
C THR C 180 -67.87 -42.26 27.60
N LEU C 181 -67.96 -42.58 28.89
CA LEU C 181 -69.19 -42.80 29.63
C LEU C 181 -69.05 -42.18 31.01
N SER C 182 -70.17 -41.78 31.60
CA SER C 182 -70.10 -41.40 33.01
C SER C 182 -69.70 -42.61 33.85
N LYS C 183 -69.10 -42.33 35.01
CA LYS C 183 -68.80 -43.42 35.94
C LYS C 183 -70.08 -44.19 36.31
N ALA C 184 -71.22 -43.51 36.35
CA ALA C 184 -72.46 -44.17 36.73
C ALA C 184 -72.91 -45.13 35.63
N ASP C 185 -73.00 -44.65 34.38
CA ASP C 185 -73.33 -45.53 33.26
C ASP C 185 -72.30 -46.64 33.12
N TYR C 186 -71.02 -46.33 33.31
CA TYR C 186 -70.02 -47.38 33.21
C TYR C 186 -70.33 -48.54 34.16
N GLU C 187 -70.85 -48.24 35.36
CA GLU C 187 -71.00 -49.28 36.37
C GLU C 187 -72.30 -50.05 36.29
N LYS C 188 -73.22 -49.62 35.43
CA LYS C 188 -74.47 -50.31 35.13
C LYS C 188 -74.32 -51.39 34.06
N HIS C 189 -73.10 -51.75 33.67
CA HIS C 189 -72.95 -52.76 32.62
C HIS C 189 -71.73 -53.61 32.87
N LYS C 190 -71.74 -54.82 32.29
CA LYS C 190 -70.74 -55.82 32.59
C LYS C 190 -69.70 -56.00 31.49
N VAL C 191 -70.13 -56.11 30.24
CA VAL C 191 -69.26 -56.56 29.15
C VAL C 191 -68.99 -55.38 28.24
N TYR C 192 -67.71 -55.09 28.03
CA TYR C 192 -67.27 -54.00 27.18
C TYR C 192 -66.40 -54.59 26.07
N ALA C 193 -66.80 -54.36 24.82
CA ALA C 193 -66.07 -54.95 23.71
C ALA C 193 -65.93 -53.96 22.55
N CYS C 194 -64.81 -54.06 21.83
CA CYS C 194 -64.64 -53.36 20.57
C CYS C 194 -64.39 -54.40 19.50
N GLU C 195 -65.10 -54.25 18.39
CA GLU C 195 -65.06 -55.16 17.27
C GLU C 195 -64.43 -54.44 16.10
N VAL C 196 -63.35 -55.01 15.57
CA VAL C 196 -62.52 -54.39 14.56
C VAL C 196 -62.73 -55.12 13.23
N THR C 197 -62.98 -54.35 12.18
CA THR C 197 -63.17 -54.85 10.83
C THR C 197 -62.13 -54.20 9.93
N HIS C 198 -61.37 -55.02 9.20
CA HIS C 198 -60.28 -54.51 8.39
C HIS C 198 -59.95 -55.51 7.28
N GLN C 199 -59.51 -54.97 6.14
CA GLN C 199 -59.27 -55.75 4.94
C GLN C 199 -58.40 -56.97 5.20
N GLY C 200 -57.53 -56.90 6.20
CA GLY C 200 -56.59 -57.95 6.51
C GLY C 200 -57.11 -58.95 7.51
N LEU C 201 -58.38 -58.84 7.89
CA LEU C 201 -59.05 -59.80 8.76
C LEU C 201 -60.24 -60.36 7.98
N SER C 202 -60.31 -61.70 7.90
CA SER C 202 -61.43 -62.33 7.20
C SER C 202 -62.71 -62.28 8.03
N SER C 203 -62.62 -62.40 9.35
CA SER C 203 -63.75 -62.19 10.21
C SER C 203 -63.43 -61.14 11.25
N PRO C 204 -64.42 -60.32 11.64
CA PRO C 204 -64.18 -59.32 12.69
C PRO C 204 -63.48 -59.91 13.89
N VAL C 205 -62.56 -59.14 14.47
CA VAL C 205 -61.86 -59.50 15.70
C VAL C 205 -62.47 -58.69 16.85
N THR C 206 -62.71 -59.35 17.96
CA THR C 206 -63.35 -58.74 19.11
C THR C 206 -62.41 -58.86 20.29
N LYS C 207 -62.15 -57.75 20.95
CA LYS C 207 -61.45 -57.74 22.22
C LYS C 207 -62.43 -57.27 23.30
N SER C 208 -62.45 -57.95 24.44
CA SER C 208 -63.43 -57.55 25.45
C SER C 208 -62.87 -57.77 26.84
N PHE C 209 -63.58 -57.22 27.81
CA PHE C 209 -63.25 -57.44 29.21
C PHE C 209 -64.54 -57.38 30.02
N ASN C 210 -64.48 -57.93 31.23
CA ASN C 210 -65.61 -57.87 32.14
C ASN C 210 -65.29 -56.90 33.26
N ARG C 211 -66.25 -56.01 33.52
CA ARG C 211 -66.08 -54.96 34.53
C ARG C 211 -65.76 -55.59 35.87
N GLY C 212 -64.75 -55.06 36.53
CA GLY C 212 -64.32 -55.62 37.79
C GLY C 212 -63.87 -57.07 37.77
N GLU C 213 -63.04 -57.45 36.79
CA GLU C 213 -62.26 -58.68 36.94
C GLU C 213 -61.06 -58.75 36.01
N GLU D 1 -22.93 -26.30 15.42
CA GLU D 1 -24.11 -26.69 14.65
C GLU D 1 -25.16 -25.56 14.60
N VAL D 2 -25.67 -25.28 13.41
CA VAL D 2 -26.58 -24.16 13.22
C VAL D 2 -27.95 -24.54 13.76
N GLN D 3 -28.45 -23.79 14.75
CA GLN D 3 -29.83 -23.99 15.15
C GLN D 3 -30.55 -22.67 15.44
N LEU D 4 -31.84 -22.66 15.14
CA LEU D 4 -32.76 -21.59 15.50
C LEU D 4 -33.79 -22.14 16.47
N VAL D 5 -33.93 -21.50 17.62
CA VAL D 5 -34.85 -21.94 18.66
C VAL D 5 -35.88 -20.83 18.87
N GLU D 6 -37.15 -21.16 18.67
CA GLU D 6 -38.20 -20.16 18.79
C GLU D 6 -38.95 -20.29 20.11
N SER D 7 -39.60 -19.20 20.50
CA SER D 7 -40.38 -19.19 21.72
C SER D 7 -41.28 -17.97 21.68
N GLY D 8 -42.21 -17.91 22.65
CA GLY D 8 -43.20 -16.85 22.78
C GLY D 8 -44.63 -17.21 22.42
N GLY D 9 -44.89 -18.44 21.95
CA GLY D 9 -46.24 -18.75 21.54
C GLY D 9 -47.15 -19.20 22.67
N GLY D 10 -48.42 -19.40 22.33
CA GLY D 10 -49.43 -19.82 23.29
C GLY D 10 -50.72 -19.04 23.04
N LEU D 11 -51.57 -18.99 24.07
CA LEU D 11 -52.86 -18.32 23.95
C LEU D 11 -52.73 -16.81 23.86
N VAL D 12 -53.49 -16.22 22.95
CA VAL D 12 -53.66 -14.78 22.90
C VAL D 12 -55.09 -14.52 22.45
N GLN D 13 -55.69 -13.46 22.98
CA GLN D 13 -57.10 -13.20 22.69
C GLN D 13 -57.27 -12.53 21.34
N PRO D 14 -58.39 -12.79 20.66
CA PRO D 14 -58.74 -12.01 19.48
C PRO D 14 -58.57 -10.53 19.77
N GLY D 15 -57.94 -9.81 18.84
CA GLY D 15 -57.66 -8.41 19.01
C GLY D 15 -56.43 -8.10 19.84
N GLY D 16 -55.87 -9.10 20.53
CA GLY D 16 -54.67 -8.92 21.31
C GLY D 16 -53.39 -9.02 20.48
N SER D 17 -52.28 -9.09 21.21
CA SER D 17 -50.97 -8.98 20.61
C SER D 17 -50.01 -9.84 21.39
N LEU D 18 -48.93 -10.24 20.73
CA LEU D 18 -47.85 -10.98 21.38
C LEU D 18 -46.61 -10.92 20.51
N ARG D 19 -45.49 -11.33 21.08
CA ARG D 19 -44.19 -11.23 20.42
C ARG D 19 -43.48 -12.59 20.43
N LEU D 20 -43.10 -13.06 19.26
CA LEU D 20 -42.30 -14.27 19.16
C LEU D 20 -40.81 -13.94 19.02
N SER D 21 -39.99 -14.88 19.47
CA SER D 21 -38.56 -14.69 19.37
C SER D 21 -37.91 -15.93 18.76
N CYS D 22 -36.78 -15.69 18.12
CA CYS D 22 -36.02 -16.68 17.37
C CYS D 22 -34.56 -16.46 17.74
N ALA D 23 -34.01 -17.34 18.57
CA ALA D 23 -32.65 -17.22 19.05
C ALA D 23 -31.76 -18.11 18.21
N ALA D 24 -30.73 -17.51 17.60
CA ALA D 24 -29.82 -18.17 16.67
C ALA D 24 -28.51 -18.53 17.35
N SER D 25 -27.98 -19.70 17.01
CA SER D 25 -26.67 -20.09 17.53
C SER D 25 -25.95 -20.95 16.49
N GLY D 26 -24.63 -21.00 16.63
CA GLY D 26 -23.82 -21.81 15.76
C GLY D 26 -23.41 -21.13 14.47
N TYR D 27 -23.65 -19.83 14.34
CA TYR D 27 -23.24 -19.09 13.15
C TYR D 27 -23.29 -17.61 13.48
N ASP D 28 -22.75 -16.77 12.59
CA ASP D 28 -22.76 -15.33 12.85
C ASP D 28 -24.10 -14.75 12.43
N PHE D 29 -24.88 -14.32 13.42
CA PHE D 29 -26.29 -14.00 13.20
C PHE D 29 -26.48 -12.90 12.15
N ASP D 30 -25.53 -11.97 12.07
CA ASP D 30 -25.64 -10.79 11.20
C ASP D 30 -25.41 -11.08 9.74
N ASN D 31 -24.87 -12.23 9.40
CA ASN D 31 -24.41 -12.48 8.05
C ASN D 31 -25.47 -13.06 7.16
N TYR D 32 -26.62 -13.49 7.70
CA TYR D 32 -27.66 -14.16 6.92
C TYR D 32 -29.03 -13.58 7.23
N GLY D 33 -29.79 -13.29 6.17
CA GLY D 33 -31.14 -12.77 6.34
C GLY D 33 -32.06 -13.77 7.03
N MET D 34 -32.95 -13.24 7.86
CA MET D 34 -33.88 -14.05 8.63
C MET D 34 -35.29 -13.91 8.05
N ASN D 35 -35.91 -15.06 7.77
CA ASN D 35 -37.27 -15.17 7.23
C ASN D 35 -38.25 -15.61 8.32
N TRP D 36 -39.52 -15.22 8.14
CA TRP D 36 -40.61 -15.69 8.98
C TRP D 36 -41.66 -16.35 8.10
N VAL D 37 -42.03 -17.57 8.45
CA VAL D 37 -43.01 -18.35 7.69
C VAL D 37 -43.99 -18.93 8.67
N ARG D 38 -45.25 -19.03 8.25
CA ARG D 38 -46.30 -19.57 9.11
C ARG D 38 -47.12 -20.63 8.39
N GLN D 39 -47.71 -21.52 9.19
CA GLN D 39 -48.46 -22.68 8.68
C GLN D 39 -49.68 -22.89 9.58
N ALA D 40 -50.87 -22.61 9.05
CA ALA D 40 -52.08 -22.85 9.84
C ALA D 40 -52.31 -24.36 9.94
N PRO D 41 -52.93 -24.83 11.03
CA PRO D 41 -52.94 -26.28 11.33
C PRO D 41 -53.61 -27.07 10.21
N GLY D 42 -52.88 -28.06 9.70
CA GLY D 42 -53.34 -28.84 8.56
C GLY D 42 -53.39 -28.10 7.25
N LYS D 43 -52.70 -26.97 7.12
CA LYS D 43 -52.79 -26.28 5.86
C LYS D 43 -51.40 -26.01 5.30
N GLY D 44 -51.29 -25.06 4.35
CA GLY D 44 -50.06 -24.83 3.62
C GLY D 44 -49.14 -23.85 4.30
N LEU D 45 -48.17 -23.34 3.53
CA LEU D 45 -47.14 -22.47 4.08
C LEU D 45 -47.33 -21.05 3.56
N GLU D 46 -47.02 -20.08 4.40
CA GLU D 46 -47.22 -18.69 4.04
C GLU D 46 -46.05 -17.83 4.52
N TRP D 47 -45.36 -17.19 3.58
CA TRP D 47 -44.20 -16.35 3.89
C TRP D 47 -44.66 -14.99 4.39
N VAL D 48 -44.20 -14.61 5.58
CA VAL D 48 -44.60 -13.36 6.22
C VAL D 48 -43.72 -12.21 5.78
N GLY D 49 -42.42 -12.47 5.65
CA GLY D 49 -41.46 -11.44 5.29
C GLY D 49 -40.06 -11.85 5.76
N TRP D 50 -39.13 -10.89 5.68
CA TRP D 50 -37.78 -11.12 6.16
C TRP D 50 -37.16 -9.82 6.64
N ILE D 51 -36.11 -9.97 7.43
CA ILE D 51 -35.43 -8.82 8.01
C ILE D 51 -33.94 -8.99 7.74
N ASN D 52 -33.30 -7.89 7.33
CA ASN D 52 -31.87 -7.85 7.08
C ASN D 52 -31.16 -7.76 8.44
N THR D 53 -30.43 -8.80 8.79
CA THR D 53 -29.80 -8.87 10.10
C THR D 53 -28.54 -8.02 10.22
N TYR D 54 -28.10 -7.41 9.13
CA TYR D 54 -26.95 -6.52 9.18
C TYR D 54 -27.37 -5.08 9.33
N THR D 55 -28.41 -4.65 8.64
CA THR D 55 -28.88 -3.28 8.73
C THR D 55 -30.15 -3.11 9.60
N GLY D 56 -30.92 -4.19 9.82
CA GLY D 56 -32.20 -4.07 10.46
C GLY D 56 -33.37 -3.76 9.54
N GLU D 57 -33.12 -3.66 8.25
CA GLU D 57 -34.18 -3.28 7.32
C GLU D 57 -35.18 -4.41 7.11
N PRO D 58 -36.45 -4.20 7.42
CA PRO D 58 -37.47 -5.24 7.20
C PRO D 58 -38.13 -5.16 5.83
N THR D 59 -38.68 -6.30 5.39
CA THR D 59 -39.50 -6.41 4.19
C THR D 59 -40.69 -7.31 4.50
N TYR D 60 -41.91 -6.81 4.35
CA TYR D 60 -43.12 -7.56 4.69
C TYR D 60 -43.90 -7.92 3.43
N ALA D 61 -44.35 -9.17 3.35
CA ALA D 61 -45.43 -9.47 2.42
C ALA D 61 -46.59 -8.52 2.71
N ALA D 62 -47.22 -8.00 1.65
CA ALA D 62 -48.16 -6.89 1.80
C ALA D 62 -49.28 -7.21 2.79
N ASP D 63 -49.81 -8.44 2.75
CA ASP D 63 -50.95 -8.73 3.61
C ASP D 63 -50.60 -8.64 5.09
N PHE D 64 -49.33 -8.45 5.44
CA PHE D 64 -48.86 -8.42 6.82
C PHE D 64 -48.24 -7.09 7.25
N LYS D 65 -48.18 -6.08 6.36
CA LYS D 65 -47.60 -4.80 6.75
C LYS D 65 -48.29 -4.23 7.99
N ARG D 66 -49.63 -4.28 8.04
CA ARG D 66 -50.34 -3.50 9.04
C ARG D 66 -50.33 -4.10 10.44
N ARG D 67 -50.10 -5.41 10.61
CA ARG D 67 -50.20 -5.99 11.93
C ARG D 67 -48.94 -6.68 12.45
N PHE D 68 -47.90 -6.81 11.62
CA PHE D 68 -46.69 -7.54 12.00
C PHE D 68 -45.48 -6.63 11.97
N THR D 69 -44.58 -6.82 12.92
CA THR D 69 -43.38 -6.00 13.03
C THR D 69 -42.19 -6.93 13.23
N PHE D 70 -41.13 -6.71 12.45
CA PHE D 70 -39.88 -7.43 12.66
C PHE D 70 -38.91 -6.57 13.45
N SER D 71 -38.09 -7.21 14.27
CA SER D 71 -37.04 -6.46 14.93
C SER D 71 -35.92 -7.41 15.32
N LEU D 72 -34.76 -6.82 15.58
CA LEU D 72 -33.53 -7.52 15.91
C LEU D 72 -33.01 -7.08 17.26
N ASP D 73 -32.40 -8.00 17.98
CA ASP D 73 -31.43 -7.66 19.03
C ASP D 73 -30.12 -8.35 18.63
N THR D 74 -29.21 -7.64 17.94
CA THR D 74 -28.03 -8.35 17.44
C THR D 74 -27.08 -8.78 18.55
N SER D 75 -27.08 -8.11 19.70
CA SER D 75 -26.19 -8.58 20.76
C SER D 75 -26.67 -9.89 21.40
N LYS D 76 -27.97 -10.17 21.33
CA LYS D 76 -28.48 -11.47 21.72
C LYS D 76 -28.69 -12.43 20.53
N SER D 77 -28.34 -12.04 19.29
CA SER D 77 -28.52 -12.93 18.14
C SER D 77 -29.93 -13.49 18.08
N THR D 78 -30.91 -12.62 18.33
CA THR D 78 -32.31 -12.99 18.35
C THR D 78 -33.06 -12.07 17.39
N ALA D 79 -33.99 -12.66 16.64
CA ALA D 79 -34.96 -11.93 15.84
C ALA D 79 -36.34 -12.06 16.48
N TYR D 80 -37.15 -11.02 16.31
CA TYR D 80 -38.45 -10.97 16.94
C TYR D 80 -39.49 -10.70 15.87
N LEU D 81 -40.68 -11.28 16.09
CA LEU D 81 -41.87 -11.03 15.29
C LEU D 81 -42.99 -10.63 16.24
N GLN D 82 -43.46 -9.40 16.14
CA GLN D 82 -44.54 -8.90 16.97
C GLN D 82 -45.82 -8.83 16.13
N MET D 83 -46.94 -9.24 16.74
CA MET D 83 -48.23 -9.41 16.07
C MET D 83 -49.28 -8.71 16.91
N ASN D 84 -50.12 -7.89 16.29
CA ASN D 84 -51.28 -7.39 17.02
C ASN D 84 -52.53 -7.42 16.14
N SER D 85 -53.66 -7.07 16.76
CA SER D 85 -54.97 -7.16 16.12
C SER D 85 -55.22 -8.57 15.59
N LEU D 86 -54.81 -9.57 16.36
CA LEU D 86 -54.87 -10.95 15.91
C LEU D 86 -56.31 -11.41 15.67
N ARG D 87 -56.47 -12.25 14.67
CA ARG D 87 -57.75 -12.88 14.39
C ARG D 87 -57.60 -14.39 14.48
N ALA D 88 -58.72 -15.11 14.38
CA ALA D 88 -58.66 -16.57 14.44
C ALA D 88 -57.86 -17.16 13.27
N GLU D 89 -57.96 -16.57 12.08
CA GLU D 89 -57.14 -16.98 10.95
C GLU D 89 -55.64 -16.75 11.15
N ASP D 90 -55.21 -16.12 12.25
CA ASP D 90 -53.79 -16.03 12.57
C ASP D 90 -53.31 -17.20 13.42
N THR D 91 -54.21 -18.08 13.85
CA THR D 91 -53.77 -19.27 14.57
C THR D 91 -52.93 -20.13 13.65
N ALA D 92 -51.69 -20.39 14.05
CA ALA D 92 -50.77 -21.14 13.20
C ALA D 92 -49.51 -21.44 14.00
N VAL D 93 -48.66 -22.29 13.40
CA VAL D 93 -47.28 -22.47 13.80
C VAL D 93 -46.45 -21.43 13.05
N TYR D 94 -45.70 -20.60 13.77
CA TYR D 94 -44.84 -19.59 13.15
C TYR D 94 -43.39 -20.08 13.17
N TYR D 95 -42.77 -20.14 12.00
CA TYR D 95 -41.36 -20.50 11.87
C TYR D 95 -40.49 -19.27 11.59
N CYS D 96 -39.23 -19.33 12.05
CA CYS D 96 -38.17 -18.53 11.44
C CYS D 96 -37.25 -19.43 10.60
N ALA D 97 -36.61 -18.82 9.59
CA ALA D 97 -35.71 -19.58 8.72
C ALA D 97 -34.66 -18.64 8.18
N LYS D 98 -33.39 -19.05 8.28
CA LYS D 98 -32.29 -18.25 7.74
C LYS D 98 -32.04 -18.58 6.27
N TYR D 99 -31.54 -17.60 5.53
CA TYR D 99 -31.10 -17.83 4.16
C TYR D 99 -29.77 -18.60 4.13
N PRO D 100 -29.40 -19.17 3.00
CA PRO D 100 -28.19 -20.00 2.94
C PRO D 100 -26.92 -19.21 2.64
N HIS D 101 -25.79 -19.86 2.93
CA HIS D 101 -24.51 -19.53 2.31
C HIS D 101 -24.69 -19.58 0.80
N TYR D 102 -24.10 -18.64 0.07
CA TYR D 102 -24.16 -18.73 -1.39
C TYR D 102 -22.87 -19.28 -1.97
N TYR D 103 -23.00 -19.89 -3.17
CA TYR D 103 -21.89 -20.40 -3.97
C TYR D 103 -22.14 -19.99 -5.41
N GLY D 104 -21.50 -18.93 -5.87
CA GLY D 104 -21.75 -18.50 -7.22
C GLY D 104 -22.88 -17.51 -7.42
N SER D 105 -24.10 -17.85 -7.02
CA SER D 105 -25.21 -16.94 -7.25
C SER D 105 -26.24 -17.12 -6.15
N SER D 106 -27.10 -16.13 -6.01
CA SER D 106 -28.02 -16.07 -4.89
C SER D 106 -29.33 -16.75 -5.25
N HIS D 107 -29.70 -17.76 -4.46
CA HIS D 107 -31.00 -18.42 -4.56
C HIS D 107 -31.68 -18.35 -3.20
N TRP D 108 -32.90 -17.80 -3.16
CA TRP D 108 -33.57 -17.50 -1.90
C TRP D 108 -34.44 -18.68 -1.46
N TYR D 109 -33.78 -19.72 -1.00
CA TYR D 109 -34.46 -20.81 -0.29
C TYR D 109 -34.16 -20.70 1.20
N PHE D 110 -34.92 -21.44 1.99
CA PHE D 110 -34.79 -21.39 3.45
C PHE D 110 -33.97 -22.59 3.88
N ASP D 111 -32.85 -22.30 4.53
CA ASP D 111 -31.78 -23.28 4.78
C ASP D 111 -32.03 -24.03 6.09
N VAL D 112 -31.95 -23.31 7.21
CA VAL D 112 -32.18 -23.87 8.53
C VAL D 112 -33.41 -23.20 9.12
N TRP D 113 -34.33 -24.00 9.64
CA TRP D 113 -35.56 -23.52 10.24
C TRP D 113 -35.54 -23.71 11.76
N GLY D 114 -36.21 -22.81 12.47
CA GLY D 114 -36.54 -23.08 13.86
C GLY D 114 -37.49 -24.27 13.95
N GLN D 115 -37.77 -24.69 15.19
CA GLN D 115 -38.72 -25.79 15.37
C GLN D 115 -40.18 -25.35 15.28
N GLY D 116 -40.47 -24.05 15.33
CA GLY D 116 -41.85 -23.57 15.28
C GLY D 116 -42.52 -23.42 16.64
N THR D 117 -43.28 -22.36 16.86
CA THR D 117 -44.12 -22.21 18.05
C THR D 117 -45.55 -21.93 17.61
N LEU D 118 -46.48 -22.69 18.17
CA LEU D 118 -47.89 -22.52 17.89
C LEU D 118 -48.45 -21.28 18.60
N VAL D 119 -49.16 -20.45 17.86
CA VAL D 119 -49.93 -19.34 18.41
C VAL D 119 -51.40 -19.68 18.25
N THR D 120 -52.15 -19.66 19.36
CA THR D 120 -53.59 -19.97 19.35
C THR D 120 -54.36 -18.71 19.71
N VAL D 121 -55.19 -18.23 18.78
CA VAL D 121 -56.00 -17.02 18.97
C VAL D 121 -57.37 -17.45 19.48
N SER D 122 -57.61 -17.23 20.76
CA SER D 122 -58.81 -17.74 21.41
C SER D 122 -58.93 -17.05 22.75
N SER D 123 -60.15 -16.77 23.18
CA SER D 123 -60.28 -16.15 24.49
C SER D 123 -60.51 -17.17 25.59
N ALA D 124 -60.55 -18.46 25.26
CA ALA D 124 -60.73 -19.49 26.26
C ALA D 124 -59.53 -19.56 27.20
N SER D 125 -59.73 -20.22 28.34
CA SER D 125 -58.67 -20.35 29.35
C SER D 125 -57.86 -21.62 29.13
N THR D 126 -56.62 -21.61 29.63
CA THR D 126 -55.84 -22.84 29.59
C THR D 126 -56.49 -23.86 30.51
N LYS D 127 -56.18 -25.13 30.26
CA LYS D 127 -56.65 -26.24 31.09
C LYS D 127 -55.56 -27.29 31.07
N GLY D 128 -55.07 -27.68 32.26
CA GLY D 128 -54.00 -28.64 32.37
C GLY D 128 -54.52 -30.07 32.38
N PRO D 129 -53.81 -30.98 31.73
CA PRO D 129 -54.34 -32.34 31.57
C PRO D 129 -54.17 -33.17 32.83
N SER D 130 -55.09 -34.11 33.00
CA SER D 130 -54.92 -35.21 33.91
C SER D 130 -54.37 -36.40 33.15
N VAL D 131 -53.51 -37.19 33.80
CA VAL D 131 -52.77 -38.27 33.16
C VAL D 131 -53.06 -39.59 33.85
N PHE D 132 -53.74 -40.49 33.15
CA PHE D 132 -54.16 -41.79 33.66
C PHE D 132 -53.37 -42.90 32.99
N PRO D 133 -53.09 -43.99 33.68
CA PRO D 133 -52.42 -45.13 33.04
C PRO D 133 -53.38 -46.02 32.27
N LEU D 134 -52.87 -46.55 31.14
CA LEU D 134 -53.45 -47.68 30.41
C LEU D 134 -52.57 -48.89 30.72
N ALA D 135 -52.98 -49.71 31.70
CA ALA D 135 -52.13 -50.80 32.18
C ALA D 135 -52.12 -51.96 31.19
N PRO D 136 -51.02 -52.76 31.15
CA PRO D 136 -50.79 -53.87 30.23
C PRO D 136 -51.91 -54.91 30.19
N GLY D 143 -42.24 -66.04 23.66
CA GLY D 143 -42.59 -64.89 24.47
C GLY D 143 -43.43 -63.91 23.67
N GLY D 144 -44.40 -63.26 24.33
CA GLY D 144 -45.32 -62.39 23.66
C GLY D 144 -44.94 -60.92 23.74
N THR D 145 -45.91 -60.08 23.36
CA THR D 145 -45.78 -58.63 23.38
C THR D 145 -46.98 -58.04 24.10
N ALA D 146 -46.74 -57.03 24.93
CA ALA D 146 -47.75 -56.35 25.71
C ALA D 146 -47.87 -54.89 25.28
N ALA D 147 -49.08 -54.35 25.35
CA ALA D 147 -49.29 -52.94 25.08
C ALA D 147 -49.64 -52.22 26.37
N LEU D 148 -49.16 -51.00 26.51
CA LEU D 148 -49.42 -50.18 27.69
C LEU D 148 -49.33 -48.72 27.25
N GLY D 149 -49.85 -47.82 28.06
CA GLY D 149 -49.74 -46.42 27.72
C GLY D 149 -50.26 -45.48 28.78
N CYS D 150 -50.52 -44.25 28.37
CA CYS D 150 -51.21 -43.36 29.28
C CYS D 150 -52.13 -42.44 28.49
N LEU D 151 -53.17 -42.00 29.16
CA LEU D 151 -54.24 -41.23 28.58
C LEU D 151 -54.09 -39.82 29.12
N VAL D 152 -53.97 -38.85 28.21
CA VAL D 152 -53.76 -37.45 28.57
C VAL D 152 -55.08 -36.72 28.30
N LYS D 153 -55.85 -36.49 29.34
CA LYS D 153 -57.25 -36.11 29.18
C LYS D 153 -57.52 -34.68 29.61
N ASP D 154 -58.23 -33.94 28.75
CA ASP D 154 -58.95 -32.70 29.07
C ASP D 154 -58.02 -31.51 29.24
N TYR D 155 -57.35 -31.12 28.17
CA TYR D 155 -56.39 -30.03 28.20
C TYR D 155 -56.66 -29.07 27.04
N PHE D 156 -56.15 -27.87 27.20
CA PHE D 156 -56.25 -26.84 26.18
C PHE D 156 -55.26 -25.75 26.53
N PRO D 157 -54.63 -25.14 25.54
CA PRO D 157 -54.73 -25.52 24.14
C PRO D 157 -53.70 -26.59 23.81
N GLU D 158 -53.60 -26.96 22.55
CA GLU D 158 -52.42 -27.68 22.08
C GLU D 158 -51.19 -26.84 22.37
N PRO D 159 -50.01 -27.45 22.42
CA PRO D 159 -49.81 -28.89 22.27
C PRO D 159 -49.37 -29.52 23.57
N VAL D 160 -49.34 -30.84 23.54
CA VAL D 160 -48.80 -31.65 24.62
C VAL D 160 -47.75 -32.56 24.01
N THR D 161 -46.67 -32.77 24.72
CA THR D 161 -45.65 -33.71 24.29
C THR D 161 -45.60 -34.86 25.29
N VAL D 162 -45.38 -36.07 24.80
CA VAL D 162 -45.25 -37.28 25.60
C VAL D 162 -43.95 -37.97 25.22
N SER D 163 -43.26 -38.49 26.21
CA SER D 163 -42.09 -39.31 25.97
C SER D 163 -42.15 -40.48 26.94
N TRP D 164 -41.30 -41.49 26.74
CA TRP D 164 -41.29 -42.67 27.60
C TRP D 164 -39.90 -42.88 28.19
N ASN D 165 -39.85 -43.15 29.49
CA ASN D 165 -38.60 -43.36 30.22
C ASN D 165 -37.58 -42.27 29.84
N SER D 166 -38.03 -41.01 30.00
CA SER D 166 -37.28 -39.79 29.78
C SER D 166 -36.59 -39.74 28.42
N GLY D 167 -37.11 -40.48 27.43
CA GLY D 167 -36.50 -40.52 26.10
C GLY D 167 -35.66 -41.75 25.82
N ALA D 168 -35.38 -42.57 26.84
CA ALA D 168 -34.64 -43.81 26.62
C ALA D 168 -35.43 -44.83 25.81
N LEU D 169 -36.77 -44.76 25.81
CA LEU D 169 -37.65 -45.74 25.16
C LEU D 169 -38.39 -45.05 24.02
N THR D 170 -37.98 -45.33 22.79
CA THR D 170 -38.70 -44.80 21.64
C THR D 170 -39.24 -45.86 20.70
N SER D 171 -38.70 -47.08 20.71
CA SER D 171 -39.16 -48.11 19.79
C SER D 171 -40.57 -48.57 20.17
N GLY D 172 -41.47 -48.57 19.18
CA GLY D 172 -42.82 -49.02 19.40
C GLY D 172 -43.70 -48.06 20.17
N VAL D 173 -43.38 -46.78 20.16
CA VAL D 173 -44.22 -45.74 20.75
C VAL D 173 -45.11 -45.17 19.66
N HIS D 174 -46.39 -45.03 19.97
CA HIS D 174 -47.34 -44.30 19.12
C HIS D 174 -48.03 -43.25 19.99
N THR D 175 -47.81 -41.98 19.66
CA THR D 175 -48.47 -40.87 20.33
C THR D 175 -49.50 -40.29 19.35
N PHE D 176 -50.80 -40.42 19.71
CA PHE D 176 -51.85 -40.17 18.72
C PHE D 176 -52.16 -38.67 18.59
N PRO D 177 -52.47 -38.25 17.40
CA PRO D 177 -53.03 -36.91 17.21
C PRO D 177 -54.08 -36.65 18.27
N ALA D 178 -54.08 -35.45 18.85
CA ALA D 178 -55.09 -35.06 19.82
C ALA D 178 -56.45 -34.98 19.14
N VAL D 179 -57.49 -35.23 19.92
CA VAL D 179 -58.86 -35.12 19.45
C VAL D 179 -59.58 -34.05 20.26
N LEU D 180 -60.39 -33.26 19.59
CA LEU D 180 -61.13 -32.20 20.25
C LEU D 180 -62.48 -32.79 20.66
N GLN D 181 -62.75 -32.77 21.97
CA GLN D 181 -63.98 -33.31 22.49
C GLN D 181 -65.11 -32.27 22.40
N SER D 182 -66.35 -32.76 22.46
CA SER D 182 -67.47 -31.84 22.45
C SER D 182 -67.34 -30.75 23.53
N SER D 183 -66.58 -31.02 24.60
CA SER D 183 -66.39 -30.03 25.65
C SER D 183 -65.50 -28.86 25.23
N GLY D 184 -64.84 -28.94 24.07
CA GLY D 184 -63.84 -27.96 23.68
C GLY D 184 -62.43 -28.27 24.17
N LEU D 185 -62.23 -29.38 24.86
CA LEU D 185 -60.94 -29.74 25.40
C LEU D 185 -60.33 -30.90 24.62
N TYR D 186 -59.00 -30.96 24.61
CA TYR D 186 -58.29 -31.98 23.86
C TYR D 186 -58.02 -33.19 24.73
N SER D 187 -57.75 -34.31 24.07
CA SER D 187 -57.38 -35.53 24.76
C SER D 187 -56.54 -36.34 23.79
N LEU D 188 -55.53 -37.04 24.31
CA LEU D 188 -54.79 -37.97 23.45
C LEU D 188 -54.30 -39.12 24.30
N SER D 189 -53.83 -40.15 23.62
CA SER D 189 -53.28 -41.34 24.22
C SER D 189 -51.91 -41.58 23.63
N SER D 190 -50.99 -42.06 24.47
CA SER D 190 -49.69 -42.50 23.99
C SER D 190 -49.53 -43.94 24.45
N VAL D 191 -49.09 -44.81 23.54
CA VAL D 191 -48.95 -46.22 23.87
C VAL D 191 -47.64 -46.73 23.32
N VAL D 192 -47.21 -47.84 23.89
CA VAL D 192 -46.00 -48.49 23.48
C VAL D 192 -46.22 -49.98 23.64
N THR D 193 -45.68 -50.78 22.71
CA THR D 193 -45.64 -52.23 22.87
C THR D 193 -44.25 -52.69 23.28
N VAL D 194 -44.22 -53.61 24.23
CA VAL D 194 -42.97 -54.08 24.82
C VAL D 194 -43.10 -55.60 25.01
N PRO D 195 -41.97 -56.27 25.22
CA PRO D 195 -42.03 -57.72 25.53
C PRO D 195 -42.68 -57.95 26.89
N SER D 196 -43.64 -58.90 26.94
CA SER D 196 -44.26 -59.24 28.21
C SER D 196 -43.25 -59.59 29.28
N SER D 197 -42.16 -60.28 28.90
CA SER D 197 -41.23 -60.77 29.90
C SER D 197 -40.60 -59.62 30.70
N SER D 198 -40.49 -58.44 30.08
CA SER D 198 -39.91 -57.28 30.75
C SER D 198 -40.88 -56.54 31.66
N LEU D 199 -42.17 -56.88 31.66
CA LEU D 199 -43.08 -56.20 32.57
C LEU D 199 -42.79 -56.48 34.04
N GLY D 200 -41.79 -57.32 34.34
CA GLY D 200 -41.40 -57.55 35.71
C GLY D 200 -40.12 -56.83 36.06
N THR D 201 -39.15 -56.87 35.14
CA THR D 201 -37.81 -56.33 35.38
C THR D 201 -37.66 -54.86 34.96
N GLN D 202 -38.74 -54.19 34.52
CA GLN D 202 -38.60 -52.95 33.76
C GLN D 202 -39.69 -51.94 34.14
N THR D 203 -39.27 -50.72 34.46
CA THR D 203 -40.20 -49.65 34.79
C THR D 203 -40.48 -48.80 33.57
N TYR D 204 -41.75 -48.44 33.39
CA TYR D 204 -42.19 -47.66 32.23
C TYR D 204 -42.93 -46.44 32.77
N ILE D 205 -42.32 -45.27 32.60
CA ILE D 205 -42.87 -43.99 33.00
C ILE D 205 -43.23 -43.23 31.74
N CYS D 206 -44.41 -42.62 31.71
CA CYS D 206 -44.69 -41.68 30.62
C CYS D 206 -44.55 -40.26 31.15
N ASN D 207 -43.81 -39.44 30.42
CA ASN D 207 -43.52 -38.06 30.80
C ASN D 207 -44.38 -37.14 29.95
N VAL D 208 -45.31 -36.44 30.58
CA VAL D 208 -46.28 -35.61 29.86
C VAL D 208 -45.97 -34.16 30.13
N ASN D 209 -46.00 -33.34 29.07
CA ASN D 209 -45.66 -31.93 29.17
C ASN D 209 -46.70 -31.09 28.45
N HIS D 210 -47.32 -30.16 29.18
CA HIS D 210 -48.23 -29.18 28.61
C HIS D 210 -47.73 -27.82 29.09
N LYS D 211 -47.00 -27.10 28.26
CA LYS D 211 -46.36 -25.92 28.84
C LYS D 211 -47.34 -24.79 29.17
N PRO D 212 -48.42 -24.63 28.41
CA PRO D 212 -49.33 -23.50 28.67
C PRO D 212 -49.97 -23.55 30.04
N SER D 213 -49.94 -24.68 30.72
CA SER D 213 -50.48 -24.81 32.07
C SER D 213 -49.38 -25.14 33.07
N ASN D 214 -48.12 -25.11 32.66
CA ASN D 214 -46.99 -25.50 33.52
C ASN D 214 -47.20 -26.89 34.11
N THR D 215 -47.48 -27.84 33.25
CA THR D 215 -47.65 -29.24 33.62
C THR D 215 -46.40 -30.02 33.24
N LYS D 216 -45.88 -30.80 34.18
CA LYS D 216 -44.77 -31.73 33.94
C LYS D 216 -45.06 -32.93 34.83
N VAL D 217 -45.64 -33.97 34.23
CA VAL D 217 -46.05 -35.16 34.96
C VAL D 217 -45.18 -36.33 34.54
N ASP D 218 -44.86 -37.20 35.51
CA ASP D 218 -44.21 -38.49 35.27
C ASP D 218 -45.08 -39.57 35.90
N LYS D 219 -45.88 -40.26 35.08
CA LYS D 219 -46.79 -41.29 35.55
C LYS D 219 -46.19 -42.67 35.30
N LYS D 220 -46.06 -43.46 36.35
CA LYS D 220 -45.58 -44.84 36.20
C LYS D 220 -46.75 -45.74 35.82
N VAL D 221 -46.57 -46.53 34.77
CA VAL D 221 -47.59 -47.47 34.29
C VAL D 221 -47.13 -48.86 34.68
N GLU D 222 -47.91 -49.51 35.53
CA GLU D 222 -47.58 -50.86 35.98
C GLU D 222 -48.78 -51.77 35.85
N PRO D 223 -48.53 -53.08 35.79
CA PRO D 223 -49.45 -54.21 35.62
C PRO D 223 -50.74 -54.09 36.41
N GLU E 6 -5.64 -18.96 1.69
CA GLU E 6 -6.76 -19.11 2.62
C GLU E 6 -8.00 -18.34 2.19
N VAL E 7 -9.00 -18.36 3.06
CA VAL E 7 -10.20 -17.54 2.92
C VAL E 7 -10.05 -16.36 3.85
N VAL E 8 -10.31 -15.16 3.33
CA VAL E 8 -10.38 -13.98 4.17
C VAL E 8 -11.81 -13.86 4.67
N LYS E 9 -11.97 -13.86 5.99
CA LYS E 9 -13.29 -13.84 6.63
C LYS E 9 -13.96 -12.48 6.43
N PHE E 10 -15.30 -12.50 6.45
CA PHE E 10 -16.08 -11.33 6.05
C PHE E 10 -15.69 -10.09 6.85
N MET E 11 -15.68 -10.20 8.18
CA MET E 11 -15.41 -9.01 8.99
C MET E 11 -14.01 -8.49 8.75
N ASP E 12 -13.07 -9.38 8.47
CA ASP E 12 -11.70 -8.97 8.17
C ASP E 12 -11.64 -8.16 6.87
N VAL E 13 -12.29 -8.65 5.79
CA VAL E 13 -12.27 -7.95 4.50
C VAL E 13 -12.85 -6.56 4.63
N TYR E 14 -13.97 -6.45 5.33
CA TYR E 14 -14.71 -5.18 5.41
C TYR E 14 -13.92 -4.13 6.18
N GLN E 15 -13.28 -4.52 7.30
CA GLN E 15 -12.42 -3.58 8.02
C GLN E 15 -11.25 -3.13 7.15
N ARG E 16 -10.60 -4.08 6.43
CA ARG E 16 -9.42 -3.74 5.65
C ARG E 16 -9.73 -2.93 4.40
N SER E 17 -10.97 -2.94 3.93
CA SER E 17 -11.31 -2.21 2.73
C SER E 17 -12.02 -0.89 3.00
N TYR E 18 -12.34 -0.59 4.26
CA TYR E 18 -13.07 0.63 4.55
C TYR E 18 -12.19 1.85 4.35
N CYS E 19 -12.79 2.89 3.79
CA CYS E 19 -12.27 4.25 3.66
C CYS E 19 -11.19 4.64 4.69
N HIS E 20 -9.97 4.92 4.20
CA HIS E 20 -8.78 5.20 4.99
C HIS E 20 -7.63 5.57 4.06
N PRO E 21 -6.56 6.21 4.55
CA PRO E 21 -5.41 6.53 3.67
C PRO E 21 -4.58 5.29 3.37
N ILE E 22 -4.21 5.11 2.10
CA ILE E 22 -3.38 3.99 1.67
C ILE E 22 -2.24 4.50 0.81
N GLU E 23 -1.17 3.73 0.79
CA GLU E 23 -0.07 4.11 -0.08
C GLU E 23 -0.53 4.03 -1.53
N THR E 24 -0.31 5.11 -2.27
CA THR E 24 -0.80 5.26 -3.62
C THR E 24 0.30 5.87 -4.46
N LEU E 25 0.63 5.23 -5.58
CA LEU E 25 1.69 5.71 -6.47
C LEU E 25 1.10 6.74 -7.41
N VAL E 26 1.65 7.96 -7.37
CA VAL E 26 1.08 9.12 -8.04
C VAL E 26 2.11 9.61 -9.05
N ASP E 27 1.67 9.89 -10.27
CA ASP E 27 2.58 10.30 -11.31
C ASP E 27 2.99 11.74 -11.09
N ILE E 28 4.31 11.98 -11.06
CA ILE E 28 4.82 13.30 -10.69
C ILE E 28 4.36 14.36 -11.68
N PHE E 29 4.24 13.98 -12.95
CA PHE E 29 3.81 14.96 -13.94
C PHE E 29 2.36 15.40 -13.72
N GLN E 30 1.50 14.52 -13.22
CA GLN E 30 0.10 14.89 -12.98
C GLN E 30 -0.03 15.89 -11.82
N GLU E 31 0.74 15.71 -10.75
CA GLU E 31 0.73 16.67 -9.66
C GLU E 31 1.43 17.98 -10.02
N TYR E 32 2.18 18.01 -11.12
CA TYR E 32 2.90 19.21 -11.56
C TYR E 32 2.76 19.33 -13.08
N PRO E 33 1.55 19.61 -13.57
CA PRO E 33 1.36 19.67 -15.04
C PRO E 33 2.16 20.79 -15.73
N ASP E 34 2.78 21.71 -14.98
CA ASP E 34 3.56 22.80 -15.56
C ASP E 34 5.04 22.47 -15.71
N GLU E 35 5.48 21.26 -15.35
CA GLU E 35 6.87 20.84 -15.53
C GLU E 35 7.02 19.96 -16.77
N ILE E 36 6.70 20.54 -17.93
CA ILE E 36 6.64 19.73 -19.15
C ILE E 36 8.03 19.38 -19.67
N GLU E 37 9.04 20.17 -19.29
CA GLU E 37 10.36 20.08 -19.91
C GLU E 37 11.30 19.11 -19.20
N TYR E 38 10.90 18.53 -18.05
CA TYR E 38 11.75 17.64 -17.28
C TYR E 38 11.33 16.19 -17.42
N ILE E 39 12.32 15.30 -17.36
CA ILE E 39 12.15 13.89 -17.02
C ILE E 39 12.41 13.73 -15.53
N PHE E 40 11.50 13.06 -14.82
CA PHE E 40 11.66 12.83 -13.38
C PHE E 40 12.02 11.39 -13.12
N LYS E 41 12.88 11.18 -12.13
CA LYS E 41 13.24 9.84 -11.66
C LYS E 41 13.18 9.81 -10.13
N PRO E 42 12.31 8.98 -9.58
CA PRO E 42 11.35 8.16 -10.32
C PRO E 42 10.29 9.05 -10.91
N SER E 43 9.47 8.56 -11.81
CA SER E 43 8.42 9.39 -12.38
C SER E 43 7.13 9.39 -11.57
N CYS E 44 7.02 8.54 -10.55
CA CYS E 44 5.90 8.63 -9.63
C CYS E 44 6.40 8.46 -8.20
N VAL E 45 5.61 8.92 -7.24
CA VAL E 45 6.04 8.85 -5.85
C VAL E 45 5.01 8.11 -5.01
N PRO E 46 5.40 7.44 -3.93
CA PRO E 46 4.42 6.80 -3.04
C PRO E 46 3.89 7.81 -2.01
N LEU E 47 2.59 8.10 -2.08
CA LEU E 47 1.90 9.07 -1.21
C LEU E 47 0.68 8.46 -0.52
N MET E 48 0.42 8.88 0.71
CA MET E 48 -0.82 8.49 1.36
C MET E 48 -1.99 9.21 0.69
N ARG E 49 -2.97 8.46 0.20
CA ARG E 49 -4.19 9.07 -0.32
C ARG E 49 -5.40 8.24 0.11
N CYS E 50 -6.57 8.87 0.12
CA CYS E 50 -7.78 8.20 0.58
C CYS E 50 -8.17 7.11 -0.39
N GLY E 51 -8.46 5.93 0.11
CA GLY E 51 -8.90 4.83 -0.73
C GLY E 51 -9.86 3.92 0.01
N GLY E 52 -10.32 2.89 -0.69
CA GLY E 52 -11.29 1.99 -0.09
C GLY E 52 -12.71 2.48 -0.29
N CYS E 54 -17.08 3.01 0.93
CA CYS E 54 -17.98 3.52 1.93
C CYS E 54 -19.18 2.59 2.08
N ASN E 55 -20.04 2.85 3.06
CA ASN E 55 -21.04 1.84 3.39
C ASN E 55 -22.19 1.78 2.38
N ASP E 56 -22.34 2.76 1.49
CA ASP E 56 -23.25 2.58 0.36
C ASP E 56 -22.81 3.47 -0.79
N GLU E 57 -23.46 3.25 -1.93
CA GLU E 57 -23.01 3.80 -3.20
C GLU E 57 -23.16 5.33 -3.25
N GLY E 58 -23.93 5.94 -2.34
CA GLY E 58 -24.08 7.38 -2.33
C GLY E 58 -22.96 8.15 -1.65
N LEU E 59 -22.02 7.44 -1.04
CA LEU E 59 -20.93 8.06 -0.30
C LEU E 59 -19.63 7.84 -1.06
N GLU E 60 -18.69 8.77 -0.87
CA GLU E 60 -17.35 8.64 -1.43
C GLU E 60 -16.31 9.01 -0.39
N CYS E 61 -15.13 8.39 -0.50
CA CYS E 61 -14.06 8.53 0.46
C CYS E 61 -13.23 9.77 0.12
N VAL E 62 -13.28 10.80 0.97
CA VAL E 62 -12.58 12.06 0.66
C VAL E 62 -11.70 12.49 1.84
N PRO E 63 -10.63 13.24 1.58
CA PRO E 63 -9.76 13.69 2.68
C PRO E 63 -10.41 14.77 3.52
N THR E 64 -10.18 14.71 4.83
CA THR E 64 -10.58 15.75 5.76
C THR E 64 -9.40 16.39 6.48
N GLU E 65 -8.19 15.83 6.37
CA GLU E 65 -6.98 16.41 6.91
C GLU E 65 -5.83 16.08 5.96
N GLU E 66 -4.98 17.07 5.73
CA GLU E 66 -3.95 16.97 4.71
C GLU E 66 -2.66 17.58 5.20
N SER E 67 -1.56 17.10 4.63
CA SER E 67 -0.23 17.58 4.97
C SER E 67 0.64 17.45 3.73
N ASN E 68 1.89 17.88 3.86
CA ASN E 68 2.82 17.83 2.75
C ASN E 68 4.02 17.02 3.16
N ILE E 69 4.61 16.34 2.20
CA ILE E 69 5.82 15.58 2.46
C ILE E 69 6.82 15.96 1.37
N THR E 70 8.09 16.00 1.73
CA THR E 70 9.16 16.42 0.84
C THR E 70 10.05 15.25 0.53
N MET E 71 10.29 15.01 -0.77
CA MET E 71 11.07 13.88 -1.27
C MET E 71 12.12 14.40 -2.24
N GLN E 72 13.24 13.69 -2.33
CA GLN E 72 14.29 14.02 -3.30
C GLN E 72 13.99 13.37 -4.64
N ILE E 73 13.81 14.18 -5.67
CA ILE E 73 13.52 13.71 -7.01
C ILE E 73 14.64 14.13 -7.95
N MET E 74 15.12 13.19 -8.77
CA MET E 74 16.07 13.53 -9.83
C MET E 74 15.35 14.17 -11.01
N ARG E 75 15.74 15.39 -11.35
CA ARG E 75 15.32 16.05 -12.58
C ARG E 75 16.40 15.91 -13.65
N ILE E 76 15.98 15.54 -14.85
CA ILE E 76 16.84 15.50 -16.03
C ILE E 76 16.16 16.34 -17.09
N LYS E 77 16.87 17.32 -17.62
CA LYS E 77 16.45 17.95 -18.87
C LYS E 77 17.42 17.46 -19.93
N PRO E 78 16.93 16.78 -20.97
CA PRO E 78 17.84 16.03 -21.85
C PRO E 78 18.83 16.96 -22.56
N HIS E 79 20.11 16.57 -22.54
CA HIS E 79 21.21 17.30 -23.17
C HIS E 79 21.75 18.43 -22.30
N GLN E 80 20.95 18.88 -21.33
CA GLN E 80 21.30 20.02 -20.51
C GLN E 80 21.86 19.63 -19.15
N GLY E 81 21.10 18.86 -18.36
CA GLY E 81 21.63 18.58 -17.04
C GLY E 81 20.80 17.57 -16.28
N GLN E 82 21.35 17.20 -15.12
CA GLN E 82 20.86 16.10 -14.31
C GLN E 82 21.26 16.39 -12.87
N HIS E 83 20.29 16.44 -11.96
CA HIS E 83 20.61 16.62 -10.54
C HIS E 83 19.39 16.26 -9.70
N ILE E 84 19.61 16.00 -8.42
CA ILE E 84 18.53 15.75 -7.48
C ILE E 84 18.25 17.03 -6.70
N GLY E 85 17.10 17.05 -6.05
CA GLY E 85 16.60 18.19 -5.32
C GLY E 85 15.31 17.79 -4.65
N GLU E 86 14.72 18.74 -3.93
CA GLU E 86 13.56 18.46 -3.10
C GLU E 86 12.29 18.94 -3.80
N MET E 87 11.27 18.08 -3.82
CA MET E 87 9.92 18.42 -4.30
C MET E 87 8.89 18.09 -3.23
N SER E 88 7.81 18.87 -3.19
CA SER E 88 6.77 18.70 -2.18
C SER E 88 5.52 18.08 -2.79
N PHE E 89 4.90 17.17 -2.03
CA PHE E 89 3.72 16.45 -2.50
C PHE E 89 2.64 16.43 -1.44
N LEU E 90 1.38 16.45 -1.90
CA LEU E 90 0.22 16.46 -1.01
C LEU E 90 -0.11 15.06 -0.52
N GLN E 91 -0.28 14.91 0.79
CA GLN E 91 -0.74 13.67 1.39
C GLN E 91 -2.07 13.88 2.11
N HIS E 92 -2.83 12.79 2.27
CA HIS E 92 -4.06 12.76 3.07
C HIS E 92 -3.77 12.06 4.38
N ASN E 93 -4.17 12.69 5.49
CA ASN E 93 -3.95 12.07 6.79
C ASN E 93 -5.20 11.49 7.40
N LYS E 94 -6.39 12.00 7.04
CA LYS E 94 -7.63 11.48 7.58
C LYS E 94 -8.69 11.50 6.48
N CYS E 95 -9.57 10.49 6.50
CA CYS E 95 -10.57 10.35 5.45
C CYS E 95 -11.94 10.22 6.07
N GLU E 96 -12.95 10.66 5.33
CA GLU E 96 -14.32 10.50 5.77
C GLU E 96 -15.17 10.10 4.57
N CYS E 97 -16.28 9.42 4.84
CA CYS E 97 -17.27 9.12 3.82
C CYS E 97 -18.32 10.23 3.78
N ARG E 98 -18.47 10.87 2.64
CA ARG E 98 -19.37 12.01 2.47
C ARG E 98 -20.17 11.85 1.19
N PRO E 99 -21.34 12.47 1.10
CA PRO E 99 -22.20 12.29 -0.08
C PRO E 99 -21.62 12.98 -1.31
N LYS E 100 -21.90 12.42 -2.47
CA LYS E 100 -21.42 13.01 -3.73
C LYS E 100 -22.34 14.09 -4.29
N VAL F 7 12.61 14.59 5.27
CA VAL F 7 12.77 14.43 3.81
C VAL F 7 13.13 13.01 3.37
N VAL F 8 12.41 12.49 2.37
CA VAL F 8 12.69 11.15 1.84
C VAL F 8 13.85 11.23 0.85
N LYS F 9 14.85 10.37 1.05
CA LYS F 9 16.07 10.41 0.23
C LYS F 9 15.84 9.75 -1.12
N PHE F 10 16.59 10.22 -2.12
CA PHE F 10 16.38 9.79 -3.50
C PHE F 10 16.29 8.28 -3.63
N MET F 11 17.29 7.56 -3.11
CA MET F 11 17.33 6.14 -3.37
C MET F 11 16.10 5.44 -2.81
N ASP F 12 15.60 5.91 -1.67
CA ASP F 12 14.48 5.26 -1.00
C ASP F 12 13.17 5.50 -1.74
N VAL F 13 12.95 6.74 -2.22
CA VAL F 13 11.81 7.07 -3.06
C VAL F 13 11.82 6.22 -4.32
N TYR F 14 12.98 6.11 -4.96
CA TYR F 14 13.12 5.35 -6.19
C TYR F 14 12.83 3.87 -5.94
N GLN F 15 13.35 3.32 -4.84
CA GLN F 15 13.14 1.89 -4.59
C GLN F 15 11.69 1.61 -4.23
N ARG F 16 11.06 2.49 -3.47
CA ARG F 16 9.67 2.26 -3.09
C ARG F 16 8.71 2.53 -4.23
N SER F 17 9.09 3.30 -5.23
CA SER F 17 8.12 3.62 -6.26
C SER F 17 8.23 2.73 -7.49
N TYR F 18 9.24 1.84 -7.57
CA TYR F 18 9.48 1.05 -8.76
C TYR F 18 8.47 -0.11 -8.84
N CYS F 19 7.91 -0.28 -10.03
CA CYS F 19 7.07 -1.39 -10.47
C CYS F 19 7.12 -2.62 -9.56
N HIS F 20 6.04 -2.87 -8.84
CA HIS F 20 5.91 -4.04 -7.99
C HIS F 20 4.45 -4.18 -7.60
N PRO F 21 4.05 -5.35 -7.11
CA PRO F 21 2.67 -5.53 -6.62
C PRO F 21 2.44 -4.70 -5.37
N ILE F 22 1.37 -3.90 -5.39
CA ILE F 22 1.02 -3.03 -4.27
C ILE F 22 -0.44 -3.23 -3.93
N GLU F 23 -0.76 -3.11 -2.64
CA GLU F 23 -2.15 -3.27 -2.22
C GLU F 23 -3.00 -2.17 -2.82
N THR F 24 -4.13 -2.58 -3.40
CA THR F 24 -4.93 -1.79 -4.32
C THR F 24 -6.38 -2.14 -4.04
N LEU F 25 -7.23 -1.14 -3.84
CA LEU F 25 -8.63 -1.39 -3.48
C LEU F 25 -9.46 -1.50 -4.75
N VAL F 26 -9.92 -2.71 -5.08
CA VAL F 26 -10.58 -2.98 -6.35
C VAL F 26 -12.09 -3.07 -6.17
N ASP F 27 -12.83 -2.36 -7.03
CA ASP F 27 -14.29 -2.39 -6.97
C ASP F 27 -14.79 -3.75 -7.42
N ILE F 28 -15.66 -4.36 -6.60
CA ILE F 28 -16.08 -5.74 -6.82
C ILE F 28 -16.93 -5.87 -8.09
N PHE F 29 -17.80 -4.89 -8.35
CA PHE F 29 -18.62 -5.04 -9.55
C PHE F 29 -17.74 -4.97 -10.80
N GLN F 30 -16.69 -4.15 -10.78
CA GLN F 30 -15.79 -4.07 -11.92
C GLN F 30 -15.19 -5.44 -12.26
N GLU F 31 -14.92 -6.27 -11.24
CA GLU F 31 -14.34 -7.60 -11.43
C GLU F 31 -15.38 -8.68 -11.70
N TYR F 32 -16.65 -8.36 -11.55
CA TYR F 32 -17.73 -9.34 -11.64
C TYR F 32 -18.92 -8.66 -12.28
N PRO F 33 -18.75 -8.15 -13.51
CA PRO F 33 -19.82 -7.33 -14.11
C PRO F 33 -21.09 -8.10 -14.41
N ASP F 34 -21.10 -9.41 -14.23
CA ASP F 34 -22.35 -10.15 -14.41
C ASP F 34 -23.23 -10.07 -13.18
N GLU F 35 -22.65 -9.76 -12.03
CA GLU F 35 -23.43 -9.77 -10.79
C GLU F 35 -24.16 -8.43 -10.66
N ILE F 36 -25.23 -8.29 -11.46
CA ILE F 36 -25.75 -6.96 -11.77
C ILE F 36 -26.74 -6.43 -10.73
N GLU F 37 -27.45 -7.31 -10.02
CA GLU F 37 -28.55 -6.85 -9.19
C GLU F 37 -28.17 -6.72 -7.72
N TYR F 38 -26.90 -6.90 -7.39
CA TYR F 38 -26.48 -7.00 -6.00
C TYR F 38 -25.90 -5.69 -5.50
N ILE F 39 -26.11 -5.44 -4.21
CA ILE F 39 -25.21 -4.61 -3.43
C ILE F 39 -24.21 -5.53 -2.73
N PHE F 40 -22.94 -5.19 -2.83
CA PHE F 40 -21.87 -5.96 -2.20
C PHE F 40 -21.38 -5.25 -0.94
N LYS F 41 -21.19 -5.99 0.14
CA LYS F 41 -20.53 -5.41 1.30
C LYS F 41 -19.35 -6.26 1.66
N PRO F 42 -18.16 -5.66 1.73
CA PRO F 42 -17.77 -4.32 1.26
C PRO F 42 -17.88 -4.25 -0.27
N SER F 43 -17.98 -3.06 -0.89
CA SER F 43 -18.07 -3.01 -2.34
C SER F 43 -16.72 -3.08 -3.04
N CYS F 44 -15.62 -3.12 -2.30
CA CYS F 44 -14.29 -3.24 -2.88
C CYS F 44 -13.44 -4.11 -1.97
N VAL F 45 -12.37 -4.66 -2.54
CA VAL F 45 -11.54 -5.57 -1.78
C VAL F 45 -10.10 -5.13 -1.94
N PRO F 46 -9.23 -5.40 -0.99
CA PRO F 46 -7.82 -5.08 -1.18
C PRO F 46 -7.08 -6.23 -1.85
N LEU F 47 -6.59 -5.98 -3.05
CA LEU F 47 -5.84 -6.99 -3.81
C LEU F 47 -4.44 -6.47 -4.11
N MET F 48 -3.49 -7.40 -4.14
CA MET F 48 -2.16 -7.10 -4.66
C MET F 48 -2.25 -6.97 -6.18
N ARG F 49 -2.07 -5.76 -6.69
CA ARG F 49 -2.03 -5.48 -8.12
C ARG F 49 -0.74 -4.75 -8.46
N CYS F 50 -0.32 -4.86 -9.72
CA CYS F 50 0.87 -4.13 -10.16
C CYS F 50 0.67 -2.63 -10.05
N GLY F 51 1.71 -1.94 -9.62
CA GLY F 51 1.69 -0.50 -9.75
C GLY F 51 3.08 0.07 -9.62
N GLY F 52 3.15 1.39 -9.73
CA GLY F 52 4.42 2.08 -9.66
C GLY F 52 4.93 2.37 -11.06
N CYS F 54 8.29 2.88 -14.09
CA CYS F 54 9.37 2.22 -14.79
C CYS F 54 10.50 3.21 -15.09
N ASN F 55 11.62 2.69 -15.55
CA ASN F 55 12.78 3.56 -15.63
C ASN F 55 12.68 4.58 -16.75
N ASP F 56 11.61 4.55 -17.55
CA ASP F 56 11.48 5.52 -18.61
C ASP F 56 10.10 5.38 -19.22
N GLU F 57 9.64 6.48 -19.85
CA GLU F 57 8.25 6.62 -20.27
C GLU F 57 7.82 5.61 -21.34
N GLY F 58 8.75 4.96 -22.01
CA GLY F 58 8.31 3.97 -22.98
C GLY F 58 7.83 2.67 -22.36
N LEU F 59 8.09 2.46 -21.09
CA LEU F 59 7.80 1.18 -20.45
C LEU F 59 6.56 1.32 -19.57
N GLU F 60 5.78 0.24 -19.52
CA GLU F 60 4.68 0.20 -18.58
C GLU F 60 4.76 -1.05 -17.71
N CYS F 61 4.21 -0.94 -16.51
CA CYS F 61 4.27 -1.97 -15.48
C CYS F 61 3.11 -2.93 -15.67
N VAL F 62 3.39 -4.24 -15.71
CA VAL F 62 2.39 -5.24 -16.07
C VAL F 62 2.65 -6.54 -15.32
N PRO F 63 1.58 -7.30 -15.05
CA PRO F 63 1.72 -8.58 -14.35
C PRO F 63 2.35 -9.67 -15.20
N THR F 64 3.14 -10.51 -14.55
CA THR F 64 3.74 -11.67 -15.18
C THR F 64 3.40 -12.96 -14.49
N GLU F 65 2.90 -12.90 -13.25
CA GLU F 65 2.50 -14.09 -12.52
C GLU F 65 1.31 -13.73 -11.66
N GLU F 66 0.26 -14.56 -11.70
CA GLU F 66 -1.01 -14.26 -11.06
C GLU F 66 -1.45 -15.43 -10.20
N SER F 67 -2.34 -15.13 -9.26
CA SER F 67 -2.92 -16.14 -8.38
C SER F 67 -4.28 -15.64 -7.91
N ASN F 68 -5.03 -16.51 -7.24
CA ASN F 68 -6.34 -16.13 -6.76
C ASN F 68 -6.39 -16.08 -5.24
N ILE F 69 -7.28 -15.23 -4.74
CA ILE F 69 -7.55 -15.13 -3.31
C ILE F 69 -9.06 -15.19 -3.10
N THR F 70 -9.48 -15.99 -2.11
CA THR F 70 -10.88 -16.14 -1.79
C THR F 70 -11.24 -15.31 -0.57
N MET F 71 -12.31 -14.51 -0.71
CA MET F 71 -12.79 -13.60 0.33
C MET F 71 -14.28 -13.79 0.53
N GLN F 72 -14.71 -13.72 1.79
CA GLN F 72 -16.14 -13.75 2.08
C GLN F 72 -16.76 -12.37 1.88
N ILE F 73 -17.81 -12.33 1.07
CA ILE F 73 -18.44 -11.07 0.66
C ILE F 73 -19.93 -11.19 0.90
N MET F 74 -20.52 -10.14 1.42
CA MET F 74 -21.95 -10.16 1.62
C MET F 74 -22.66 -9.69 0.36
N ARG F 75 -23.72 -10.38 -0.01
CA ARG F 75 -24.55 -10.01 -1.15
C ARG F 75 -25.93 -9.64 -0.66
N ILE F 76 -26.45 -8.54 -1.18
CA ILE F 76 -27.79 -8.07 -0.83
C ILE F 76 -28.53 -7.75 -2.12
N LYS F 77 -29.63 -8.46 -2.38
CA LYS F 77 -30.58 -8.03 -3.39
C LYS F 77 -31.65 -7.27 -2.62
N PRO F 78 -31.78 -5.96 -2.80
CA PRO F 78 -32.71 -5.22 -1.93
C PRO F 78 -34.14 -5.71 -2.13
N HIS F 79 -34.85 -5.86 -1.01
CA HIS F 79 -36.21 -6.36 -0.90
C HIS F 79 -36.27 -7.87 -0.97
N GLN F 80 -35.19 -8.56 -1.36
CA GLN F 80 -35.26 -10.01 -1.54
C GLN F 80 -34.47 -10.77 -0.48
N GLY F 81 -33.17 -10.51 -0.31
CA GLY F 81 -32.41 -11.27 0.67
C GLY F 81 -31.00 -10.76 0.89
N GLN F 82 -30.29 -11.49 1.76
CA GLN F 82 -29.00 -11.08 2.29
C GLN F 82 -28.30 -12.32 2.82
N HIS F 83 -27.05 -12.52 2.41
CA HIS F 83 -26.26 -13.66 2.89
C HIS F 83 -24.82 -13.44 2.44
N ILE F 84 -23.91 -14.18 3.07
CA ILE F 84 -22.51 -14.12 2.71
C ILE F 84 -22.16 -15.41 1.98
N GLY F 85 -21.05 -15.35 1.27
CA GLY F 85 -20.50 -16.49 0.56
C GLY F 85 -19.08 -16.13 0.12
N GLU F 86 -18.45 -17.08 -0.56
CA GLU F 86 -17.06 -16.90 -0.97
C GLU F 86 -17.01 -16.41 -2.40
N MET F 87 -16.12 -15.46 -2.66
CA MET F 87 -15.86 -14.96 -4.00
C MET F 87 -14.36 -14.92 -4.18
N SER F 88 -13.92 -15.25 -5.38
CA SER F 88 -12.52 -15.44 -5.72
C SER F 88 -12.04 -14.26 -6.55
N PHE F 89 -10.83 -13.77 -6.23
CA PHE F 89 -10.29 -12.60 -6.92
C PHE F 89 -8.85 -12.83 -7.40
N LEU F 90 -8.51 -12.14 -8.49
CA LEU F 90 -7.21 -12.25 -9.13
C LEU F 90 -6.21 -11.30 -8.48
N GLN F 91 -5.07 -11.84 -8.06
CA GLN F 91 -3.97 -11.06 -7.50
C GLN F 91 -2.78 -11.10 -8.46
N HIS F 92 -1.92 -10.10 -8.36
CA HIS F 92 -0.65 -10.10 -9.08
C HIS F 92 0.49 -10.49 -8.14
N ASN F 93 1.31 -11.45 -8.57
CA ASN F 93 2.45 -11.84 -7.75
C ASN F 93 3.75 -11.27 -8.24
N LYS F 94 3.92 -11.07 -9.54
CA LYS F 94 5.17 -10.54 -10.07
C LYS F 94 4.87 -9.58 -11.20
N CYS F 95 5.64 -8.49 -11.25
CA CYS F 95 5.44 -7.42 -12.20
C CYS F 95 6.70 -7.30 -13.04
N GLU F 96 6.54 -6.84 -14.27
CA GLU F 96 7.66 -6.57 -15.14
C GLU F 96 7.41 -5.26 -15.86
N CYS F 97 8.46 -4.48 -16.09
CA CYS F 97 8.34 -3.35 -17.00
C CYS F 97 8.52 -3.84 -18.43
N ARG F 98 7.54 -3.53 -19.28
CA ARG F 98 7.55 -3.87 -20.69
C ARG F 98 7.10 -2.68 -21.51
N PRO F 99 7.45 -2.64 -22.79
CA PRO F 99 7.09 -1.50 -23.65
C PRO F 99 5.60 -1.51 -23.98
N LYS F 100 5.11 -0.34 -24.38
CA LYS F 100 3.67 -0.12 -24.53
C LYS F 100 3.09 -0.55 -25.88
#